data_3IYM
#
_entry.id   3IYM
#
_cell.length_a   1
_cell.length_b   1
_cell.length_c   1
_cell.angle_alpha   90
_cell.angle_beta   90
_cell.angle_gamma   90
#
_symmetry.space_group_name_H-M   'P 1'
#
_entity_poly.entity_id   1
_entity_poly.type   'polypeptide(L)'
_entity_poly.pdbx_seq_one_letter_code
;MSSIAPTDSVSSSGKRSKPGKRERQQARSAVGSAGGKPASASKAAAFAQGGSSDPVPMPGKYPVVFSTGAGEPTRDQEFA
LPVHKAFPLFGSVSDKYRRNPRYAEFRAHSEFTDGVFGTHLAVSSLLRLAQQLVHAHVNMGLPLGDFAPLASSDVRIPSA
LASVVNQFGEFSSPSIGTRFLLRDFEHAVSRVVFLADQLWTNGNSHHIFARSWLPMSNNDGNFKTIVASRLLEFISAGDL
SILPTVLEDAVLSGEVPEAWEQVKDLLGDAPGVGQVDRRDRFDFLFKSYADVGQFTTAFTTQAASDVLTELGLPWNSPSA
GHLNWQYSTKQRFTFLADTWAKLSAAYSQFFELSSGLATRQSATGSHAQMVDLTSVEGVTVLKAALALSAPEFSLAACFP
PSCIFVGGLTRRVVVTTSLSVSQRATEFCQMDWR
;
_entity_poly.pdbx_strand_id   A,B
#
# COMPACT_ATOMS: atom_id res chain seq x y z
N ALA A 39 16.69 -15.37 23.72
CA ALA A 39 15.38 -15.30 23.10
C ALA A 39 14.39 -14.54 23.96
N SER A 40 14.21 -13.25 23.66
CA SER A 40 13.27 -12.41 24.39
C SER A 40 11.85 -12.65 23.92
N ALA A 41 10.95 -12.96 24.87
CA ALA A 41 9.57 -13.27 24.55
C ALA A 41 8.55 -12.18 24.90
N SER A 42 8.44 -11.87 26.19
CA SER A 42 7.53 -10.85 26.68
C SER A 42 6.15 -10.80 26.02
N LYS A 43 5.14 -11.20 26.79
CA LYS A 43 3.74 -11.18 26.43
C LYS A 43 3.37 -11.35 24.96
N ALA A 44 3.66 -12.51 24.38
CA ALA A 44 3.29 -12.78 22.99
C ALA A 44 1.84 -13.23 22.89
N ALA A 45 1.39 -13.59 21.69
CA ALA A 45 0.01 -14.02 21.53
C ALA A 45 -0.27 -14.81 20.26
N ALA A 46 -0.63 -14.06 19.20
CA ALA A 46 -0.99 -14.54 17.87
C ALA A 46 -2.46 -14.30 17.60
N PHE A 47 -2.76 -13.21 16.90
CA PHE A 47 -4.14 -12.88 16.62
C PHE A 47 -4.41 -12.69 15.13
N ALA A 48 -5.60 -13.12 14.70
CA ALA A 48 -6.02 -13.00 13.32
C ALA A 48 -7.06 -11.89 13.15
N GLN A 49 -7.00 -11.18 12.03
CA GLN A 49 -7.90 -10.07 11.78
C GLN A 49 -8.41 -10.01 10.34
N GLY A 50 -9.22 -8.98 10.12
CA GLY A 50 -9.83 -8.68 8.84
C GLY A 50 -10.26 -7.22 8.81
N GLY A 51 -10.00 -6.55 7.68
CA GLY A 51 -10.35 -5.16 7.50
C GLY A 51 -9.76 -4.60 6.21
N SER A 52 -10.64 -4.12 5.35
CA SER A 52 -10.25 -3.54 4.08
C SER A 52 -11.46 -3.20 3.22
N SER A 53 -11.19 -2.71 2.01
CA SER A 53 -12.27 -2.35 1.11
C SER A 53 -12.49 -3.40 0.04
N ASP A 54 -13.37 -3.05 -0.90
CA ASP A 54 -13.73 -3.92 -1.99
C ASP A 54 -14.84 -3.32 -2.83
N PRO A 55 -14.64 -3.29 -4.13
CA PRO A 55 -15.65 -2.80 -5.04
C PRO A 55 -15.90 -3.84 -6.10
N VAL A 56 -16.75 -3.51 -7.07
CA VAL A 56 -17.08 -4.40 -8.16
C VAL A 56 -17.47 -3.63 -9.40
N PRO A 57 -17.28 -4.25 -10.56
CA PRO A 57 -17.61 -3.60 -11.80
C PRO A 57 -18.29 -4.55 -12.76
N MET A 58 -19.06 -3.97 -13.68
CA MET A 58 -19.72 -4.72 -14.72
C MET A 58 -18.92 -4.50 -15.98
N PRO A 59 -18.11 -5.50 -16.33
CA PRO A 59 -17.20 -5.38 -17.45
C PRO A 59 -17.58 -6.18 -18.67
N GLY A 60 -16.76 -6.02 -19.70
CA GLY A 60 -16.88 -6.75 -20.94
C GLY A 60 -16.43 -8.17 -20.69
N LYS A 61 -16.09 -8.39 -19.42
CA LYS A 61 -15.65 -9.67 -18.90
C LYS A 61 -16.78 -10.69 -19.04
N TYR A 62 -17.97 -10.28 -18.64
CA TYR A 62 -19.12 -11.14 -18.79
C TYR A 62 -19.26 -11.53 -20.25
N PRO A 63 -19.11 -10.53 -21.12
CA PRO A 63 -19.20 -10.74 -22.56
C PRO A 63 -18.25 -11.81 -23.07
N VAL A 64 -17.12 -11.99 -22.40
CA VAL A 64 -16.18 -13.01 -22.82
C VAL A 64 -16.55 -14.37 -22.26
N VAL A 65 -17.39 -14.34 -21.21
CA VAL A 65 -17.85 -15.56 -20.57
C VAL A 65 -19.18 -16.01 -21.13
N PHE A 66 -19.81 -15.14 -21.91
CA PHE A 66 -21.11 -15.44 -22.49
C PHE A 66 -21.10 -15.41 -24.00
N SER A 67 -19.90 -15.35 -24.57
CA SER A 67 -19.75 -15.31 -26.02
C SER A 67 -20.27 -16.57 -26.68
N THR A 68 -20.58 -17.57 -25.85
CA THR A 68 -21.12 -18.84 -26.30
C THR A 68 -20.02 -19.79 -26.76
N GLY A 69 -18.97 -19.91 -25.96
CA GLY A 69 -17.86 -20.79 -26.30
C GLY A 69 -17.88 -22.06 -25.46
N ALA A 70 -18.87 -22.16 -24.58
CA ALA A 70 -19.00 -23.30 -23.70
C ALA A 70 -19.70 -24.50 -24.32
N GLY A 71 -20.56 -24.26 -25.31
CA GLY A 71 -21.28 -25.36 -25.93
C GLY A 71 -21.88 -25.04 -27.29
N GLU A 72 -21.56 -23.87 -27.83
CA GLU A 72 -22.07 -23.47 -29.13
C GLU A 72 -21.67 -24.44 -30.24
N PRO A 73 -20.51 -25.08 -30.08
CA PRO A 73 -20.03 -26.02 -31.07
C PRO A 73 -20.32 -27.46 -30.70
N THR A 74 -21.07 -27.65 -29.62
CA THR A 74 -21.43 -28.98 -29.16
C THR A 74 -22.51 -29.60 -30.03
N ARG A 75 -22.23 -30.79 -30.54
CA ARG A 75 -23.17 -31.48 -31.40
C ARG A 75 -23.79 -32.72 -30.77
N ASP A 76 -24.92 -32.52 -30.12
CA ASP A 76 -25.68 -33.59 -29.50
C ASP A 76 -27.12 -33.51 -29.98
N GLN A 77 -27.30 -32.68 -30.99
CA GLN A 77 -28.59 -32.43 -31.62
C GLN A 77 -29.59 -31.78 -30.67
N GLU A 78 -29.07 -31.23 -29.58
CA GLU A 78 -29.90 -30.55 -28.61
C GLU A 78 -30.66 -29.43 -29.31
N PHE A 79 -30.13 -29.08 -30.48
CA PHE A 79 -30.69 -28.05 -31.33
C PHE A 79 -32.06 -28.43 -31.87
N ALA A 80 -33.00 -28.61 -30.96
CA ALA A 80 -34.36 -28.96 -31.33
C ALA A 80 -35.26 -27.73 -31.34
N LEU A 81 -35.20 -27.00 -32.45
CA LEU A 81 -35.97 -25.78 -32.61
C LEU A 81 -35.85 -24.87 -31.39
N PRO A 82 -34.67 -24.28 -31.15
CA PRO A 82 -34.55 -23.41 -30.00
C PRO A 82 -33.59 -22.27 -30.26
N VAL A 83 -33.79 -21.17 -29.55
CA VAL A 83 -32.91 -20.03 -29.62
C VAL A 83 -31.89 -20.09 -28.51
N HIS A 84 -30.60 -19.99 -28.86
CA HIS A 84 -29.55 -20.10 -27.86
C HIS A 84 -28.66 -18.87 -27.79
N LYS A 85 -29.26 -17.70 -27.99
CA LYS A 85 -28.52 -16.45 -27.92
C LYS A 85 -28.37 -15.97 -26.49
N ALA A 86 -29.50 -15.64 -25.88
CA ALA A 86 -29.53 -15.15 -24.52
C ALA A 86 -29.38 -16.28 -23.51
N PHE A 87 -29.93 -17.45 -23.88
CA PHE A 87 -29.91 -18.64 -23.05
C PHE A 87 -28.59 -18.88 -22.34
N PRO A 88 -27.49 -18.61 -23.04
CA PRO A 88 -26.17 -18.79 -22.47
C PRO A 88 -25.77 -17.63 -21.58
N LEU A 89 -25.80 -16.43 -22.16
CA LEU A 89 -25.45 -15.22 -21.43
C LEU A 89 -26.13 -15.12 -20.08
N PHE A 90 -27.45 -15.34 -20.05
CA PHE A 90 -28.20 -15.25 -18.81
C PHE A 90 -27.98 -16.45 -17.90
N GLY A 91 -26.99 -17.26 -18.24
CA GLY A 91 -26.68 -18.46 -17.46
C GLY A 91 -25.50 -18.29 -16.52
N SER A 92 -25.76 -17.60 -15.41
CA SER A 92 -24.77 -17.34 -14.37
C SER A 92 -25.26 -16.28 -13.40
N VAL A 93 -26.17 -15.45 -13.89
CA VAL A 93 -26.75 -14.36 -13.13
C VAL A 93 -27.26 -14.76 -11.76
N SER A 94 -28.29 -15.59 -11.76
CA SER A 94 -28.97 -16.05 -10.55
C SER A 94 -28.11 -16.83 -9.56
N ASP A 95 -26.82 -16.97 -9.87
CA ASP A 95 -25.95 -17.70 -8.97
C ASP A 95 -24.79 -16.87 -8.46
N LYS A 96 -24.25 -16.04 -9.36
CA LYS A 96 -23.12 -15.18 -9.05
C LYS A 96 -23.52 -13.97 -8.22
N TYR A 97 -24.67 -14.01 -7.55
CA TYR A 97 -25.08 -12.85 -6.76
C TYR A 97 -25.94 -13.15 -5.56
N ARG A 98 -26.25 -14.41 -5.31
CA ARG A 98 -27.11 -14.75 -4.19
C ARG A 98 -26.79 -16.12 -3.63
N ARG A 99 -26.78 -17.10 -4.52
CA ARG A 99 -26.51 -18.47 -4.16
C ARG A 99 -25.03 -18.75 -4.00
N ASN A 100 -24.24 -18.09 -4.85
CA ASN A 100 -22.81 -18.29 -4.83
C ASN A 100 -22.08 -17.32 -3.91
N PRO A 101 -22.11 -16.03 -4.24
CA PRO A 101 -21.40 -15.03 -3.46
C PRO A 101 -22.07 -14.65 -2.15
N ARG A 102 -23.37 -14.33 -2.20
CA ARG A 102 -24.08 -13.89 -1.01
C ARG A 102 -24.42 -15.00 -0.02
N TYR A 103 -24.10 -16.24 -0.36
CA TYR A 103 -24.42 -17.34 0.53
C TYR A 103 -23.42 -17.48 1.68
N ALA A 104 -22.15 -17.25 1.35
CA ALA A 104 -21.09 -17.35 2.35
C ALA A 104 -20.39 -16.02 2.57
N GLU A 105 -19.99 -15.39 1.46
CA GLU A 105 -19.31 -14.11 1.51
C GLU A 105 -20.06 -13.12 2.37
N PHE A 106 -21.26 -12.77 1.91
CA PHE A 106 -22.12 -11.81 2.58
C PHE A 106 -22.46 -12.21 4.01
N ARG A 107 -23.35 -13.19 4.13
CA ARG A 107 -23.82 -13.67 5.42
C ARG A 107 -22.73 -14.02 6.42
N ALA A 108 -21.73 -14.77 5.99
CA ALA A 108 -20.65 -15.17 6.87
C ALA A 108 -19.70 -14.04 7.22
N HIS A 109 -19.78 -12.95 6.46
CA HIS A 109 -18.92 -11.81 6.68
C HIS A 109 -19.33 -11.02 7.90
N SER A 110 -20.20 -11.63 8.72
CA SER A 110 -20.67 -11.01 9.94
C SER A 110 -21.58 -9.83 9.65
N GLU A 111 -22.27 -9.88 8.51
CA GLU A 111 -23.19 -8.83 8.13
C GLU A 111 -24.63 -9.29 8.11
N PHE A 112 -25.30 -9.02 9.23
CA PHE A 112 -26.70 -9.35 9.46
C PHE A 112 -27.53 -9.09 8.21
N THR A 113 -27.81 -10.15 7.47
CA THR A 113 -28.57 -10.04 6.23
C THR A 113 -30.06 -10.20 6.41
N ASP A 114 -30.81 -9.47 5.59
CA ASP A 114 -32.26 -9.52 5.59
C ASP A 114 -32.75 -10.42 4.46
N GLY A 115 -33.54 -11.43 4.83
CA GLY A 115 -34.06 -12.40 3.89
C GLY A 115 -34.58 -11.77 2.60
N VAL A 116 -35.05 -10.53 2.69
CA VAL A 116 -35.58 -9.83 1.54
C VAL A 116 -34.47 -9.21 0.69
N PHE A 117 -33.53 -10.08 0.36
CA PHE A 117 -32.38 -9.80 -0.49
C PHE A 117 -31.76 -11.15 -0.81
N GLY A 118 -32.43 -12.16 -0.27
CA GLY A 118 -32.08 -13.56 -0.42
C GLY A 118 -33.31 -14.42 -0.15
N THR A 119 -34.48 -13.79 -0.25
CA THR A 119 -35.75 -14.47 -0.04
C THR A 119 -35.79 -15.76 -0.82
N HIS A 120 -35.42 -15.67 -2.10
CA HIS A 120 -35.41 -16.82 -2.96
C HIS A 120 -34.00 -17.38 -3.07
N LEU A 121 -33.52 -17.98 -1.98
CA LEU A 121 -32.20 -18.57 -1.91
C LEU A 121 -32.10 -19.78 -2.84
N ALA A 122 -32.70 -19.63 -4.02
CA ALA A 122 -32.74 -20.67 -5.01
C ALA A 122 -31.38 -20.94 -5.65
N VAL A 123 -31.33 -22.06 -6.37
CA VAL A 123 -30.12 -22.49 -7.05
C VAL A 123 -30.35 -22.64 -8.54
N SER A 124 -29.24 -22.72 -9.27
CA SER A 124 -29.27 -22.88 -10.71
C SER A 124 -28.23 -23.89 -11.17
N SER A 125 -28.70 -24.99 -11.73
CA SER A 125 -27.81 -26.05 -12.19
C SER A 125 -27.16 -25.77 -13.53
N LEU A 126 -27.55 -24.66 -14.16
CA LEU A 126 -26.97 -24.31 -15.44
C LEU A 126 -25.56 -23.77 -15.28
N LEU A 127 -25.17 -23.56 -14.03
CA LEU A 127 -23.83 -23.09 -13.76
C LEU A 127 -22.83 -24.06 -14.35
N ARG A 128 -22.73 -24.00 -15.69
CA ARG A 128 -21.87 -24.84 -16.50
C ARG A 128 -20.57 -25.13 -15.78
N LEU A 129 -19.51 -24.50 -16.27
CA LEU A 129 -18.20 -24.62 -15.67
C LEU A 129 -17.77 -23.24 -15.20
N ALA A 130 -18.71 -22.32 -15.31
CA ALA A 130 -18.54 -20.94 -14.90
C ALA A 130 -19.53 -20.55 -13.82
N GLN A 131 -19.04 -20.65 -12.58
CA GLN A 131 -19.75 -20.31 -11.36
C GLN A 131 -19.03 -20.89 -10.16
N GLN A 132 -19.02 -22.22 -10.04
CA GLN A 132 -18.25 -22.83 -8.98
C GLN A 132 -16.82 -22.40 -9.22
N LEU A 133 -16.59 -22.13 -10.50
CA LEU A 133 -15.34 -21.63 -11.03
C LEU A 133 -15.33 -20.12 -10.84
N VAL A 134 -16.38 -19.50 -11.37
CA VAL A 134 -16.57 -18.06 -11.27
C VAL A 134 -16.42 -17.60 -9.84
N HIS A 135 -17.11 -18.31 -8.96
CA HIS A 135 -17.06 -18.02 -7.54
C HIS A 135 -15.63 -18.01 -7.05
N ALA A 136 -14.95 -19.14 -7.24
CA ALA A 136 -13.56 -19.25 -6.85
C ALA A 136 -12.77 -18.15 -7.56
N HIS A 137 -13.33 -17.71 -8.69
CA HIS A 137 -12.75 -16.66 -9.48
C HIS A 137 -13.04 -15.31 -8.85
N VAL A 138 -14.23 -15.19 -8.25
CA VAL A 138 -14.66 -13.96 -7.64
C VAL A 138 -15.28 -14.13 -6.26
N ASN A 139 -14.57 -14.83 -5.38
CA ASN A 139 -15.06 -15.01 -4.02
C ASN A 139 -14.42 -13.98 -3.10
N MET A 140 -15.26 -13.12 -2.52
CA MET A 140 -14.80 -12.03 -1.67
C MET A 140 -14.39 -12.45 -0.26
N GLY A 141 -13.08 -12.50 -0.04
CA GLY A 141 -12.53 -12.86 1.25
C GLY A 141 -11.01 -12.97 1.22
N LEU A 142 -10.34 -11.84 1.45
CA LEU A 142 -8.89 -11.82 1.47
C LEU A 142 -8.31 -12.65 2.60
N PRO A 143 -7.01 -12.88 2.56
CA PRO A 143 -6.36 -13.69 3.57
C PRO A 143 -6.32 -13.04 4.93
N LEU A 144 -6.07 -13.87 5.94
CA LEU A 144 -5.91 -13.42 7.30
C LEU A 144 -4.42 -13.45 7.63
N GLY A 145 -3.72 -14.32 6.88
CA GLY A 145 -2.28 -14.45 6.98
C GLY A 145 -1.66 -13.15 6.49
N ASP A 146 -2.54 -12.33 5.93
CA ASP A 146 -2.24 -10.99 5.46
C ASP A 146 -3.02 -10.00 6.30
N PHE A 147 -4.21 -9.57 5.84
CA PHE A 147 -5.06 -8.66 6.61
C PHE A 147 -6.13 -7.91 5.83
N ALA A 148 -6.84 -8.55 4.90
CA ALA A 148 -7.85 -7.78 4.16
C ALA A 148 -9.19 -8.48 3.92
N PRO A 149 -10.20 -7.67 3.58
CA PRO A 149 -11.55 -8.16 3.29
C PRO A 149 -12.30 -7.40 2.20
N LEU A 150 -13.61 -7.66 2.12
CA LEU A 150 -14.53 -7.14 1.10
C LEU A 150 -15.56 -6.15 1.64
N ALA A 151 -15.95 -5.16 0.81
CA ALA A 151 -16.95 -4.16 1.20
C ALA A 151 -17.16 -2.98 0.24
N SER A 152 -18.42 -2.71 -0.07
CA SER A 152 -18.85 -1.59 -0.90
C SER A 152 -20.34 -1.59 -1.25
N SER A 153 -21.16 -1.51 -0.21
CA SER A 153 -22.60 -1.46 -0.34
C SER A 153 -23.22 -2.63 -1.09
N ASP A 154 -23.61 -3.66 -0.34
CA ASP A 154 -24.28 -4.80 -0.92
C ASP A 154 -25.78 -4.62 -0.83
N VAL A 155 -26.17 -3.36 -0.69
CA VAL A 155 -27.57 -2.97 -0.62
C VAL A 155 -27.89 -2.15 -1.85
N ARG A 156 -26.83 -1.84 -2.58
CA ARG A 156 -26.90 -1.03 -3.78
C ARG A 156 -26.33 -1.75 -4.99
N ILE A 157 -25.24 -2.50 -4.75
CA ILE A 157 -24.60 -3.24 -5.80
C ILE A 157 -25.51 -4.31 -6.38
N PRO A 158 -25.96 -5.23 -5.53
CA PRO A 158 -26.85 -6.28 -5.97
C PRO A 158 -28.09 -5.68 -6.60
N SER A 159 -28.60 -4.64 -5.95
CA SER A 159 -29.78 -3.96 -6.42
C SER A 159 -29.66 -3.57 -7.88
N ALA A 160 -28.49 -3.06 -8.26
CA ALA A 160 -28.22 -2.66 -9.63
C ALA A 160 -27.94 -3.86 -10.51
N LEU A 161 -27.23 -4.83 -9.93
CA LEU A 161 -26.87 -6.05 -10.64
C LEU A 161 -28.13 -6.76 -11.11
N ALA A 162 -29.04 -7.00 -10.17
CA ALA A 162 -30.30 -7.64 -10.48
C ALA A 162 -30.98 -6.87 -11.61
N SER A 163 -30.79 -5.56 -11.57
CA SER A 163 -31.33 -4.68 -12.58
C SER A 163 -30.70 -5.03 -13.92
N VAL A 164 -29.37 -5.01 -13.95
CA VAL A 164 -28.64 -5.35 -15.15
C VAL A 164 -29.10 -6.70 -15.69
N VAL A 165 -29.28 -7.64 -14.78
CA VAL A 165 -29.75 -8.96 -15.15
C VAL A 165 -31.06 -8.86 -15.92
N ASN A 166 -31.90 -7.94 -15.43
CA ASN A 166 -33.18 -7.68 -16.04
C ASN A 166 -33.04 -6.71 -17.21
N GLN A 167 -32.30 -5.64 -16.97
CA GLN A 167 -32.06 -4.62 -17.98
C GLN A 167 -31.41 -5.25 -19.22
N PHE A 168 -30.57 -6.24 -18.98
CA PHE A 168 -29.85 -6.92 -20.05
C PHE A 168 -30.55 -8.18 -20.52
N GLY A 169 -30.69 -9.14 -19.62
CA GLY A 169 -31.30 -10.42 -19.92
C GLY A 169 -32.78 -10.32 -20.27
N GLU A 170 -33.28 -9.11 -20.44
CA GLU A 170 -34.69 -8.94 -20.78
C GLU A 170 -34.90 -8.16 -22.07
N PHE A 171 -34.21 -7.01 -22.18
CA PHE A 171 -34.34 -6.18 -23.35
C PHE A 171 -33.39 -6.60 -24.47
N SER A 172 -32.17 -6.05 -24.46
CA SER A 172 -31.17 -6.40 -25.44
C SER A 172 -30.17 -7.39 -24.86
N SER A 173 -30.36 -8.66 -25.22
CA SER A 173 -29.52 -9.74 -24.71
C SER A 173 -28.07 -9.76 -25.17
N PRO A 174 -27.68 -8.85 -26.05
CA PRO A 174 -26.30 -8.80 -26.50
C PRO A 174 -26.04 -7.56 -27.35
N SER A 175 -26.07 -6.41 -26.70
CA SER A 175 -25.88 -5.13 -27.34
C SER A 175 -24.53 -4.98 -28.04
N ILE A 176 -23.85 -6.10 -28.27
CA ILE A 176 -22.56 -6.09 -28.94
C ILE A 176 -21.57 -5.17 -28.25
N GLY A 177 -21.08 -5.59 -27.08
CA GLY A 177 -20.13 -4.81 -26.33
C GLY A 177 -20.60 -3.38 -26.13
N THR A 178 -20.54 -2.61 -27.21
CA THR A 178 -20.98 -1.22 -27.17
C THR A 178 -22.46 -1.11 -26.86
N ARG A 179 -22.74 -0.46 -25.73
CA ARG A 179 -24.07 -0.19 -25.21
C ARG A 179 -24.38 -0.91 -23.90
N PHE A 180 -24.58 -2.23 -23.95
CA PHE A 180 -24.84 -2.95 -22.72
C PHE A 180 -23.63 -2.91 -21.80
N LEU A 181 -22.46 -3.16 -22.38
CA LEU A 181 -21.22 -3.09 -21.61
C LEU A 181 -21.09 -1.71 -21.00
N LEU A 182 -21.54 -0.72 -21.77
CA LEU A 182 -21.52 0.65 -21.34
C LEU A 182 -22.34 0.80 -20.07
N ARG A 183 -23.63 0.51 -20.18
CA ARG A 183 -24.57 0.55 -19.08
C ARG A 183 -23.98 -0.08 -17.84
N ASP A 184 -23.33 -1.22 -18.06
CA ASP A 184 -22.68 -1.97 -17.01
C ASP A 184 -21.50 -1.21 -16.42
N PHE A 185 -20.58 -0.84 -17.31
CA PHE A 185 -19.38 -0.13 -16.91
C PHE A 185 -19.63 1.32 -16.57
N GLU A 186 -20.62 1.92 -17.24
CA GLU A 186 -21.00 3.30 -17.03
C GLU A 186 -21.39 3.58 -15.59
N HIS A 187 -21.30 2.55 -14.75
CA HIS A 187 -21.66 2.65 -13.35
C HIS A 187 -23.02 3.31 -13.22
N ALA A 188 -23.87 2.96 -14.19
CA ALA A 188 -25.23 3.42 -14.39
C ALA A 188 -25.86 4.16 -13.22
N VAL A 189 -26.81 5.03 -13.55
CA VAL A 189 -27.54 5.86 -12.61
C VAL A 189 -27.79 5.15 -11.28
N SER A 190 -27.77 5.93 -10.21
CA SER A 190 -27.91 5.39 -8.88
C SER A 190 -29.12 5.90 -8.13
N ARG A 191 -29.33 5.30 -6.95
CA ARG A 191 -30.39 5.69 -6.07
C ARG A 191 -29.81 6.43 -4.87
N VAL A 192 -28.70 7.13 -5.17
CA VAL A 192 -27.95 7.95 -4.22
C VAL A 192 -26.71 7.25 -3.64
N VAL A 193 -26.74 5.93 -3.62
CA VAL A 193 -25.66 5.14 -3.07
C VAL A 193 -24.60 4.80 -4.13
N PHE A 194 -24.92 3.78 -4.94
CA PHE A 194 -24.10 3.27 -6.04
C PHE A 194 -22.61 3.50 -5.90
N LEU A 195 -21.85 2.40 -5.97
CA LEU A 195 -20.41 2.43 -5.87
C LEU A 195 -19.76 3.09 -7.09
N ALA A 196 -20.58 3.79 -7.87
CA ALA A 196 -20.14 4.48 -9.08
C ALA A 196 -18.88 5.27 -8.81
N ASP A 197 -19.04 6.19 -7.87
CA ASP A 197 -18.04 7.10 -7.37
C ASP A 197 -16.64 6.52 -7.42
N GLN A 198 -16.54 5.21 -7.21
CA GLN A 198 -15.25 4.55 -7.24
C GLN A 198 -14.86 4.16 -8.66
N LEU A 199 -15.84 3.71 -9.43
CA LEU A 199 -15.60 3.33 -10.80
C LEU A 199 -15.29 4.58 -11.62
N TRP A 200 -15.63 5.72 -11.05
CA TRP A 200 -15.41 7.01 -11.66
C TRP A 200 -14.08 7.60 -11.20
N THR A 201 -13.71 7.28 -9.95
CA THR A 201 -12.47 7.76 -9.39
C THR A 201 -11.27 7.14 -10.10
N ASN A 202 -11.54 6.04 -10.80
CA ASN A 202 -10.51 5.34 -11.54
C ASN A 202 -10.06 6.19 -12.72
N GLY A 203 -10.90 7.14 -13.10
CA GLY A 203 -10.63 8.01 -14.22
C GLY A 203 -9.85 9.27 -13.85
N ASN A 204 -10.27 9.96 -12.80
CA ASN A 204 -9.60 11.19 -12.43
C ASN A 204 -8.24 11.01 -11.78
N SER A 205 -7.90 9.78 -11.43
CA SER A 205 -6.60 9.50 -10.83
C SER A 205 -5.62 9.01 -11.87
N HIS A 206 -6.17 8.47 -12.96
CA HIS A 206 -5.37 7.95 -14.04
C HIS A 206 -4.68 9.07 -14.81
N HIS A 207 -5.44 10.13 -15.06
CA HIS A 207 -4.92 11.26 -15.80
C HIS A 207 -3.96 12.12 -14.98
N ILE A 208 -4.30 12.30 -13.70
CA ILE A 208 -3.46 13.11 -12.84
C ILE A 208 -2.23 12.36 -12.34
N PHE A 209 -1.21 12.29 -13.19
CA PHE A 209 0.03 11.62 -12.86
C PHE A 209 0.79 12.36 -11.78
N ALA A 210 0.95 13.66 -12.02
CA ALA A 210 1.66 14.55 -11.11
C ALA A 210 0.99 14.61 -9.76
N ARG A 211 -0.30 14.27 -9.74
CA ARG A 211 -1.04 14.29 -8.50
C ARG A 211 -1.46 12.92 -8.03
N SER A 212 -1.41 12.79 -6.73
CA SER A 212 -1.90 11.63 -6.00
C SER A 212 -2.84 12.22 -4.98
N TRP A 213 -3.88 11.48 -4.61
CA TRP A 213 -4.87 12.06 -3.75
C TRP A 213 -5.07 11.33 -2.43
N LEU A 214 -5.54 12.08 -1.43
CA LEU A 214 -5.87 11.46 -0.17
C LEU A 214 -7.19 10.74 -0.36
N PRO A 215 -7.27 9.52 0.16
CA PRO A 215 -8.44 8.67 0.07
C PRO A 215 -9.75 9.43 0.20
N MET A 216 -9.68 10.60 0.82
CA MET A 216 -10.85 11.43 1.02
C MET A 216 -11.51 11.77 -0.31
N SER A 217 -10.80 11.46 -1.40
CA SER A 217 -11.31 11.70 -2.73
C SER A 217 -12.18 10.55 -3.19
N ASN A 218 -12.26 9.51 -2.36
CA ASN A 218 -13.07 8.34 -2.67
C ASN A 218 -14.53 8.61 -2.39
N ASN A 219 -14.78 9.35 -1.30
CA ASN A 219 -16.12 9.72 -0.93
C ASN A 219 -16.61 10.83 -1.84
N ASP A 220 -15.87 11.00 -2.93
CA ASP A 220 -16.14 12.00 -3.95
C ASP A 220 -17.47 11.80 -4.63
N GLY A 221 -18.03 10.60 -4.43
CA GLY A 221 -19.30 10.24 -5.02
C GLY A 221 -20.37 11.31 -4.93
N ASN A 222 -21.11 11.28 -3.83
CA ASN A 222 -22.18 12.23 -3.60
C ASN A 222 -21.77 13.27 -2.56
N PHE A 223 -22.37 14.46 -2.70
CA PHE A 223 -22.17 15.64 -1.86
C PHE A 223 -22.20 16.88 -2.75
N LYS A 224 -22.81 17.95 -2.25
CA LYS A 224 -22.93 19.19 -2.99
C LYS A 224 -21.64 20.00 -2.99
N THR A 225 -20.70 19.61 -2.14
CA THR A 225 -19.44 20.34 -2.03
C THR A 225 -18.23 19.61 -2.60
N ILE A 226 -18.36 18.31 -2.80
CA ILE A 226 -17.27 17.49 -3.33
C ILE A 226 -16.55 18.15 -4.50
N VAL A 227 -17.30 18.96 -5.23
CA VAL A 227 -16.80 19.65 -6.41
C VAL A 227 -16.53 21.13 -6.18
N ALA A 228 -17.19 21.71 -5.19
CA ALA A 228 -16.98 23.11 -4.91
C ALA A 228 -16.01 23.34 -3.77
N SER A 229 -15.30 22.28 -3.37
CA SER A 229 -14.35 22.37 -2.29
C SER A 229 -13.12 21.50 -2.52
N ARG A 230 -13.07 20.38 -1.79
CA ARG A 230 -11.97 19.44 -1.86
C ARG A 230 -11.51 19.19 -3.30
N LEU A 231 -11.90 18.04 -3.85
CA LEU A 231 -11.55 17.72 -5.23
C LEU A 231 -12.39 18.60 -6.14
N LEU A 232 -11.76 19.11 -7.21
CA LEU A 232 -12.37 20.02 -8.20
C LEU A 232 -11.76 21.41 -8.12
N GLU A 233 -11.69 21.91 -6.89
CA GLU A 233 -11.16 23.23 -6.62
C GLU A 233 -9.80 23.12 -5.95
N PHE A 234 -9.78 22.67 -4.70
CA PHE A 234 -8.51 22.51 -4.01
C PHE A 234 -7.67 21.40 -4.62
N ILE A 235 -8.20 20.18 -4.56
CA ILE A 235 -7.53 19.04 -5.13
C ILE A 235 -7.65 19.06 -6.65
N SER A 236 -7.63 20.28 -7.18
CA SER A 236 -7.73 20.54 -8.61
C SER A 236 -7.07 21.87 -8.96
N ALA A 237 -7.51 22.96 -8.35
CA ALA A 237 -6.85 24.23 -8.62
C ALA A 237 -5.38 24.12 -8.24
N GLY A 238 -5.07 23.02 -7.56
CA GLY A 238 -3.74 22.68 -7.16
C GLY A 238 -3.15 21.61 -8.07
N ASP A 239 -3.84 20.48 -8.16
CA ASP A 239 -3.37 19.38 -8.99
C ASP A 239 -3.98 19.36 -10.39
N LEU A 240 -5.09 20.09 -10.55
CA LEU A 240 -5.77 20.19 -11.82
C LEU A 240 -5.25 21.40 -12.60
N SER A 241 -4.76 22.39 -11.87
CA SER A 241 -4.20 23.58 -12.49
C SER A 241 -2.79 23.29 -12.99
N ILE A 242 -2.46 22.01 -12.97
CA ILE A 242 -1.16 21.52 -13.39
C ILE A 242 -1.29 20.43 -14.43
N LEU A 243 -2.24 19.53 -14.22
CA LEU A 243 -2.48 18.44 -15.15
C LEU A 243 -3.13 18.92 -16.44
N PRO A 244 -3.70 20.13 -16.38
CA PRO A 244 -4.30 20.78 -17.53
C PRO A 244 -4.55 22.25 -17.22
N THR A 245 -3.48 23.04 -17.25
CA THR A 245 -3.58 24.46 -16.95
C THR A 245 -3.83 25.32 -18.17
N VAL A 246 -4.92 25.02 -18.86
CA VAL A 246 -5.33 25.76 -20.05
C VAL A 246 -5.38 27.25 -19.80
N LEU A 247 -6.19 27.64 -18.81
CA LEU A 247 -6.36 29.04 -18.46
C LEU A 247 -6.86 29.86 -19.64
N GLU A 248 -7.54 29.19 -20.56
CA GLU A 248 -8.08 29.83 -21.75
C GLU A 248 -8.94 31.04 -21.45
N ASP A 249 -8.81 32.04 -22.32
CA ASP A 249 -9.60 33.24 -22.25
C ASP A 249 -10.74 33.10 -23.24
N ALA A 250 -11.78 33.93 -23.06
CA ALA A 250 -12.99 33.98 -23.90
C ALA A 250 -13.22 32.75 -24.78
N VAL A 251 -12.97 31.57 -24.22
CA VAL A 251 -13.14 30.32 -24.94
C VAL A 251 -13.68 29.23 -24.03
N LEU A 252 -13.96 29.61 -22.79
CA LEU A 252 -14.47 28.69 -21.79
C LEU A 252 -13.66 27.41 -21.72
N SER A 253 -12.93 27.26 -20.62
CA SER A 253 -12.08 26.10 -20.42
C SER A 253 -12.79 24.95 -19.73
N GLY A 254 -13.35 24.07 -20.55
CA GLY A 254 -14.04 22.88 -20.08
C GLY A 254 -13.58 21.68 -20.88
N GLU A 255 -13.16 21.98 -22.11
CA GLU A 255 -12.66 20.98 -23.03
C GLU A 255 -11.30 20.46 -22.58
N VAL A 256 -10.75 21.09 -21.54
CA VAL A 256 -9.45 20.72 -21.02
C VAL A 256 -9.48 20.13 -19.61
N PRO A 257 -10.29 19.09 -19.44
CA PRO A 257 -10.38 18.39 -18.17
C PRO A 257 -10.70 19.24 -16.94
N GLU A 258 -11.44 20.32 -17.17
CA GLU A 258 -11.92 21.19 -16.11
C GLU A 258 -13.40 20.87 -15.96
N ALA A 259 -13.87 20.22 -17.03
CA ALA A 259 -15.23 19.74 -17.15
C ALA A 259 -15.32 18.38 -16.48
N TRP A 260 -14.25 17.61 -16.54
CA TRP A 260 -14.22 16.32 -15.86
C TRP A 260 -14.50 16.61 -14.40
N GLU A 261 -14.11 17.84 -14.05
CA GLU A 261 -14.34 18.39 -12.74
C GLU A 261 -15.78 18.87 -12.68
N GLN A 262 -16.24 19.39 -13.82
CA GLN A 262 -17.62 19.85 -13.97
C GLN A 262 -18.56 18.66 -13.94
N VAL A 263 -18.27 17.67 -14.78
CA VAL A 263 -19.03 16.45 -14.81
C VAL A 263 -19.01 15.91 -13.39
N LYS A 264 -17.87 16.12 -12.75
CA LYS A 264 -17.68 15.77 -11.36
C LYS A 264 -18.62 16.64 -10.56
N ASP A 265 -18.60 17.93 -10.89
CA ASP A 265 -19.46 18.90 -10.26
C ASP A 265 -20.89 18.42 -10.39
N LEU A 266 -21.23 18.05 -11.61
CA LEU A 266 -22.56 17.55 -11.89
C LEU A 266 -22.88 16.40 -10.97
N LEU A 267 -22.09 15.34 -11.05
CA LEU A 267 -22.25 14.17 -10.22
C LEU A 267 -22.39 14.55 -8.75
N GLY A 268 -21.97 15.78 -8.44
CA GLY A 268 -22.05 16.32 -7.11
C GLY A 268 -23.40 16.99 -6.88
N ASP A 269 -23.75 17.90 -7.78
CA ASP A 269 -25.01 18.61 -7.71
C ASP A 269 -25.73 18.64 -9.05
N ALA A 270 -26.63 17.66 -9.21
CA ALA A 270 -27.46 17.44 -10.39
C ALA A 270 -27.92 16.01 -10.59
N PRO A 271 -27.50 15.08 -9.73
CA PRO A 271 -27.97 13.72 -9.83
C PRO A 271 -28.52 13.30 -8.48
N GLY A 272 -28.12 14.06 -7.46
CA GLY A 272 -28.54 13.82 -6.10
C GLY A 272 -29.77 14.63 -5.75
N VAL A 273 -30.16 15.51 -6.68
CA VAL A 273 -31.32 16.35 -6.48
C VAL A 273 -32.62 15.62 -6.84
N GLY A 274 -32.49 14.33 -7.12
CA GLY A 274 -33.64 13.51 -7.45
C GLY A 274 -33.61 12.94 -8.86
N GLN A 275 -34.81 12.87 -9.44
CA GLN A 275 -35.01 12.32 -10.77
C GLN A 275 -35.19 13.39 -11.84
N VAL A 276 -36.17 14.28 -11.62
CA VAL A 276 -36.55 15.37 -12.52
C VAL A 276 -36.27 15.08 -13.99
N ASP A 277 -36.24 13.78 -14.31
CA ASP A 277 -35.91 13.22 -15.61
C ASP A 277 -34.67 13.85 -16.24
N ARG A 278 -34.65 15.17 -16.25
CA ARG A 278 -33.52 15.90 -16.77
C ARG A 278 -32.26 15.41 -16.08
N ARG A 279 -32.41 14.84 -14.88
CA ARG A 279 -31.28 14.27 -14.15
C ARG A 279 -30.51 13.38 -15.11
N ASP A 280 -31.26 12.60 -15.87
CA ASP A 280 -30.65 11.82 -16.90
C ASP A 280 -30.12 12.82 -17.89
N ARG A 281 -31.01 13.69 -18.37
CA ARG A 281 -30.68 14.76 -19.29
C ARG A 281 -29.37 15.44 -18.93
N PHE A 282 -29.27 15.83 -17.67
CA PHE A 282 -28.07 16.43 -17.13
C PHE A 282 -26.96 15.40 -17.20
N ASP A 283 -27.04 14.41 -16.31
CA ASP A 283 -26.12 13.28 -16.26
C ASP A 283 -25.73 12.89 -17.67
N PHE A 284 -26.77 12.71 -18.49
CA PHE A 284 -26.62 12.44 -19.90
C PHE A 284 -25.93 13.61 -20.57
N LEU A 285 -26.39 14.83 -20.26
CA LEU A 285 -25.75 16.01 -20.81
C LEU A 285 -24.28 15.97 -20.42
N PHE A 286 -24.05 15.67 -19.15
CA PHE A 286 -22.72 15.56 -18.59
C PHE A 286 -22.06 14.26 -19.01
N LYS A 287 -22.89 13.36 -19.53
CA LYS A 287 -22.43 12.07 -20.03
C LYS A 287 -22.70 11.97 -21.53
N SER A 288 -22.88 13.13 -22.16
CA SER A 288 -23.16 13.21 -23.59
C SER A 288 -22.82 14.56 -24.22
N TYR A 289 -23.85 15.38 -24.40
CA TYR A 289 -23.78 16.70 -25.01
C TYR A 289 -22.47 17.44 -24.75
N ALA A 290 -21.53 17.26 -25.69
CA ALA A 290 -20.23 17.89 -25.59
C ALA A 290 -19.38 17.22 -24.51
N ASP A 291 -20.05 16.78 -23.46
CA ASP A 291 -19.40 16.11 -22.35
C ASP A 291 -18.76 14.81 -22.79
N VAL A 292 -18.91 14.49 -24.08
CA VAL A 292 -18.35 13.30 -24.66
C VAL A 292 -16.83 13.28 -24.51
N GLY A 293 -16.25 14.47 -24.60
CA GLY A 293 -14.82 14.64 -24.44
C GLY A 293 -14.44 14.59 -22.97
N GLN A 294 -15.48 14.55 -22.13
CA GLN A 294 -15.31 14.49 -20.69
C GLN A 294 -15.39 13.06 -20.19
N PHE A 295 -16.46 12.37 -20.59
CA PHE A 295 -16.65 11.00 -20.18
C PHE A 295 -15.92 10.00 -21.06
N THR A 296 -14.84 10.42 -21.71
CA THR A 296 -14.16 9.42 -22.51
C THR A 296 -12.78 9.09 -21.98
N THR A 297 -12.64 9.34 -20.68
CA THR A 297 -11.42 9.06 -19.94
C THR A 297 -11.66 7.85 -19.05
N ALA A 298 -12.95 7.58 -18.80
CA ALA A 298 -13.39 6.46 -17.99
C ALA A 298 -14.89 6.27 -18.02
N PHE A 299 -15.46 6.31 -19.22
CA PHE A 299 -16.89 6.13 -19.43
C PHE A 299 -17.13 5.44 -20.78
N THR A 300 -18.36 4.99 -20.97
CA THR A 300 -18.75 4.29 -22.17
C THR A 300 -19.45 5.15 -23.21
N THR A 301 -20.10 4.48 -24.17
CA THR A 301 -20.80 5.14 -25.25
C THR A 301 -22.14 5.73 -24.85
N GLN A 302 -22.32 7.00 -25.20
CA GLN A 302 -23.52 7.75 -24.92
C GLN A 302 -24.78 6.99 -25.26
N ALA A 303 -24.69 6.16 -26.31
CA ALA A 303 -25.81 5.35 -26.74
C ALA A 303 -26.44 4.62 -25.57
N ALA A 304 -25.58 4.01 -24.75
CA ALA A 304 -26.02 3.29 -23.57
C ALA A 304 -26.61 4.23 -22.53
N SER A 305 -26.68 5.51 -22.90
CA SER A 305 -27.23 6.53 -22.03
C SER A 305 -28.55 7.06 -22.56
N ASP A 306 -28.60 7.32 -23.86
CA ASP A 306 -29.84 7.76 -24.45
C ASP A 306 -30.68 6.55 -24.82
N VAL A 307 -30.01 5.53 -25.33
CA VAL A 307 -30.69 4.28 -25.61
C VAL A 307 -31.08 3.66 -24.29
N LEU A 308 -30.09 3.11 -23.60
CA LEU A 308 -30.31 2.48 -22.30
C LEU A 308 -30.98 3.41 -21.29
N THR A 309 -30.15 4.23 -20.65
CA THR A 309 -30.57 5.17 -19.62
C THR A 309 -31.92 5.83 -19.88
N GLU A 310 -32.03 6.55 -21.00
CA GLU A 310 -33.28 7.21 -21.31
C GLU A 310 -34.43 6.22 -21.46
N LEU A 311 -34.19 5.14 -22.20
CA LEU A 311 -35.21 4.12 -22.37
C LEU A 311 -35.55 3.50 -21.02
N GLY A 312 -34.51 3.10 -20.31
CA GLY A 312 -34.65 2.49 -19.01
C GLY A 312 -35.50 3.31 -18.06
N LEU A 313 -35.34 4.63 -18.11
CA LEU A 313 -36.05 5.53 -17.23
C LEU A 313 -35.39 5.53 -15.87
N PRO A 314 -34.72 6.64 -15.55
CA PRO A 314 -33.98 6.88 -14.33
C PRO A 314 -34.28 5.96 -13.15
N TRP A 315 -35.51 5.47 -13.09
CA TRP A 315 -35.93 4.58 -12.03
C TRP A 315 -35.48 3.14 -12.25
N ASN A 316 -34.95 2.87 -13.44
CA ASN A 316 -34.48 1.53 -13.76
C ASN A 316 -33.21 1.12 -13.04
N SER A 317 -32.83 1.92 -12.06
CA SER A 317 -31.67 1.65 -11.24
C SER A 317 -32.04 1.61 -9.76
N PRO A 318 -33.06 2.38 -9.39
CA PRO A 318 -33.55 2.39 -8.02
C PRO A 318 -34.89 1.69 -7.96
N SER A 319 -35.82 2.18 -8.78
CA SER A 319 -37.15 1.62 -8.86
C SER A 319 -37.11 0.23 -9.49
N ALA A 320 -36.26 0.10 -10.50
CA ALA A 320 -36.10 -1.18 -11.18
C ALA A 320 -35.56 -2.22 -10.22
N GLY A 321 -34.45 -1.88 -9.55
CA GLY A 321 -33.81 -2.75 -8.58
C GLY A 321 -34.82 -3.37 -7.63
N HIS A 322 -35.57 -2.53 -6.94
CA HIS A 322 -36.57 -3.00 -6.00
C HIS A 322 -37.54 -3.95 -6.70
N LEU A 323 -38.23 -3.43 -7.70
CA LEU A 323 -39.17 -4.22 -8.46
C LEU A 323 -38.47 -5.35 -9.21
N ASN A 324 -37.16 -5.26 -9.30
CA ASN A 324 -36.39 -6.30 -9.95
C ASN A 324 -36.00 -7.35 -8.92
N TRP A 325 -36.15 -6.98 -7.65
CA TRP A 325 -35.90 -7.87 -6.55
C TRP A 325 -37.18 -8.47 -6.00
N GLN A 326 -38.29 -7.77 -6.22
CA GLN A 326 -39.58 -8.26 -5.76
C GLN A 326 -40.63 -8.36 -6.86
N TYR A 327 -40.15 -8.70 -8.04
CA TYR A 327 -40.93 -8.91 -9.25
C TYR A 327 -40.05 -9.61 -10.27
N SER A 328 -38.81 -9.14 -10.31
CA SER A 328 -37.80 -9.69 -11.20
C SER A 328 -37.06 -10.82 -10.52
N THR A 329 -37.00 -10.77 -9.18
CA THR A 329 -36.38 -11.82 -8.41
C THR A 329 -37.35 -12.98 -8.29
N LYS A 330 -38.63 -12.63 -8.31
CA LYS A 330 -39.71 -13.61 -8.31
C LYS A 330 -39.79 -14.15 -9.72
N GLN A 331 -39.64 -13.23 -10.67
CA GLN A 331 -39.60 -13.55 -12.07
C GLN A 331 -38.25 -14.21 -12.31
N ARG A 332 -37.31 -13.86 -11.43
CA ARG A 332 -35.99 -14.44 -11.46
C ARG A 332 -36.18 -15.93 -11.42
N PHE A 333 -37.28 -16.32 -10.78
CA PHE A 333 -37.66 -17.71 -10.73
C PHE A 333 -38.26 -18.14 -12.05
N THR A 334 -39.18 -17.32 -12.56
CA THR A 334 -39.79 -17.63 -13.84
C THR A 334 -38.68 -17.79 -14.86
N PHE A 335 -37.59 -17.06 -14.59
CA PHE A 335 -36.38 -17.13 -15.39
C PHE A 335 -35.37 -18.08 -14.76
N LEU A 336 -35.61 -18.40 -13.49
CA LEU A 336 -34.79 -19.39 -12.81
C LEU A 336 -35.31 -20.72 -13.31
N ALA A 337 -36.62 -20.70 -13.59
CA ALA A 337 -37.30 -21.82 -14.18
C ALA A 337 -36.57 -22.03 -15.49
N ASP A 338 -36.24 -20.90 -16.11
CA ASP A 338 -35.45 -20.93 -17.32
C ASP A 338 -34.15 -21.66 -17.03
N THR A 339 -33.78 -21.66 -15.75
CA THR A 339 -32.59 -22.35 -15.30
C THR A 339 -32.92 -23.75 -14.84
N TRP A 340 -34.10 -23.89 -14.23
CA TRP A 340 -34.55 -25.19 -13.76
C TRP A 340 -35.73 -25.72 -14.55
N ALA A 341 -35.74 -25.36 -15.83
CA ALA A 341 -36.74 -25.78 -16.79
C ALA A 341 -36.20 -25.61 -18.20
N LYS A 342 -35.66 -24.44 -18.47
CA LYS A 342 -35.03 -24.17 -19.75
C LYS A 342 -33.59 -24.66 -19.70
N LEU A 343 -32.92 -24.30 -18.60
CA LEU A 343 -31.56 -24.72 -18.35
C LEU A 343 -31.58 -26.16 -17.86
N SER A 344 -32.76 -26.59 -17.42
CA SER A 344 -32.97 -27.93 -16.93
C SER A 344 -33.17 -28.92 -18.08
N ALA A 345 -33.67 -28.39 -19.19
CA ALA A 345 -33.90 -29.21 -20.37
C ALA A 345 -32.60 -29.76 -20.92
N ALA A 346 -31.49 -29.27 -20.37
CA ALA A 346 -30.18 -29.73 -20.78
C ALA A 346 -29.83 -31.04 -20.11
N TYR A 347 -30.88 -31.71 -19.65
CA TYR A 347 -30.81 -33.00 -18.97
C TYR A 347 -29.75 -33.92 -19.52
N SER A 348 -29.66 -34.00 -20.84
CA SER A 348 -28.67 -34.87 -21.46
C SER A 348 -27.63 -34.19 -22.33
N GLN A 349 -26.44 -34.14 -21.75
CA GLN A 349 -25.20 -33.61 -22.28
C GLN A 349 -24.18 -34.07 -21.26
N PHE A 350 -24.63 -33.95 -20.03
CA PHE A 350 -23.96 -34.36 -18.81
C PHE A 350 -22.60 -33.72 -18.55
N PHE A 351 -22.70 -32.45 -18.09
CA PHE A 351 -21.56 -31.62 -17.72
C PHE A 351 -21.97 -30.67 -16.61
N GLU A 352 -23.27 -30.37 -16.62
CA GLU A 352 -23.87 -29.47 -15.66
C GLU A 352 -24.30 -30.18 -14.39
N LEU A 353 -24.03 -29.51 -13.27
CA LEU A 353 -24.36 -29.98 -11.94
C LEU A 353 -23.61 -29.18 -10.89
N SER A 354 -23.89 -27.88 -10.86
CA SER A 354 -23.24 -26.97 -9.95
C SER A 354 -24.20 -26.35 -8.95
N SER A 355 -23.65 -26.01 -7.78
CA SER A 355 -24.41 -25.39 -6.71
C SER A 355 -25.21 -26.40 -5.91
N GLY A 356 -24.51 -27.25 -5.18
CA GLY A 356 -25.14 -28.26 -4.36
C GLY A 356 -25.26 -27.81 -2.92
N LEU A 357 -24.20 -27.17 -2.44
CA LEU A 357 -24.18 -26.67 -1.08
C LEU A 357 -24.18 -25.15 -0.97
N ALA A 358 -23.60 -24.72 0.14
CA ALA A 358 -23.47 -23.34 0.57
C ALA A 358 -23.30 -23.40 2.07
N THR A 359 -23.08 -22.28 2.74
CA THR A 359 -22.87 -22.32 4.18
C THR A 359 -21.65 -23.15 4.57
N ARG A 360 -21.46 -24.27 3.89
CA ARG A 360 -20.36 -25.18 4.13
C ARG A 360 -19.27 -25.05 3.07
N GLN A 361 -19.69 -24.67 1.86
CA GLN A 361 -18.78 -24.51 0.74
C GLN A 361 -17.99 -23.22 0.82
N SER A 362 -18.51 -22.28 1.62
CA SER A 362 -17.88 -20.98 1.80
C SER A 362 -17.78 -20.17 0.51
N ALA A 363 -17.20 -18.98 0.61
CA ALA A 363 -17.10 -18.12 -0.56
C ALA A 363 -16.05 -17.02 -0.44
N THR A 364 -15.02 -17.22 0.37
CA THR A 364 -14.00 -16.19 0.53
C THR A 364 -12.61 -16.77 0.75
N GLY A 365 -11.65 -16.32 -0.06
CA GLY A 365 -10.28 -16.80 0.08
C GLY A 365 -9.48 -16.88 -1.20
N SER A 366 -9.84 -16.06 -2.20
CA SER A 366 -9.12 -16.07 -3.46
C SER A 366 -8.69 -14.68 -3.88
N HIS A 367 -7.37 -14.47 -3.89
CA HIS A 367 -6.77 -13.20 -4.25
C HIS A 367 -7.01 -12.82 -5.70
N ALA A 368 -8.21 -13.04 -6.19
CA ALA A 368 -8.52 -12.67 -7.55
C ALA A 368 -8.64 -11.16 -7.67
N GLN A 369 -8.21 -10.49 -6.61
CA GLN A 369 -8.24 -9.03 -6.51
C GLN A 369 -7.33 -8.32 -7.48
N MET A 370 -6.32 -7.64 -6.94
CA MET A 370 -5.36 -6.86 -7.70
C MET A 370 -5.01 -7.51 -9.03
N VAL A 371 -5.96 -7.35 -9.95
CA VAL A 371 -5.94 -7.87 -11.30
C VAL A 371 -4.54 -8.09 -11.85
N ASP A 372 -3.80 -6.97 -11.95
CA ASP A 372 -2.43 -6.93 -12.43
C ASP A 372 -2.10 -7.99 -13.48
N LEU A 373 -2.77 -7.86 -14.63
CA LEU A 373 -2.59 -8.77 -15.74
C LEU A 373 -2.17 -8.05 -17.01
N THR A 374 -1.24 -8.64 -17.74
CA THR A 374 -0.75 -8.04 -18.98
C THR A 374 -0.47 -9.10 -20.05
N SER A 375 -0.82 -8.76 -21.29
CA SER A 375 -0.63 -9.67 -22.40
C SER A 375 0.21 -9.07 -23.52
N VAL A 376 1.29 -9.77 -23.84
CA VAL A 376 2.22 -9.38 -24.90
C VAL A 376 2.96 -10.60 -25.42
N GLU A 377 2.57 -11.06 -26.60
CA GLU A 377 3.19 -12.25 -27.16
C GLU A 377 2.84 -13.43 -26.28
N GLY A 378 3.29 -13.33 -25.03
CA GLY A 378 3.00 -14.31 -24.00
C GLY A 378 2.13 -13.66 -22.95
N VAL A 379 1.57 -14.46 -22.05
CA VAL A 379 0.71 -13.91 -21.02
C VAL A 379 1.35 -13.91 -19.64
N THR A 380 1.53 -12.71 -19.10
CA THR A 380 2.12 -12.54 -17.78
C THR A 380 1.08 -12.07 -16.77
N VAL A 381 0.98 -12.80 -15.66
CA VAL A 381 0.00 -12.46 -14.63
C VAL A 381 0.65 -12.11 -13.31
N LEU A 382 0.86 -10.81 -13.09
CA LEU A 382 1.43 -10.34 -11.85
C LEU A 382 0.36 -10.23 -10.79
N LYS A 383 0.57 -10.87 -9.64
CA LYS A 383 -0.41 -10.86 -8.58
C LYS A 383 0.14 -10.24 -7.29
N ALA A 384 -0.09 -8.94 -7.14
CA ALA A 384 0.36 -8.18 -5.97
C ALA A 384 0.29 -8.96 -4.68
N ALA A 385 -0.89 -9.51 -4.39
CA ALA A 385 -1.09 -10.30 -3.20
C ALA A 385 -0.77 -11.76 -3.47
N LEU A 386 0.12 -12.34 -2.66
CA LEU A 386 0.49 -13.73 -2.82
C LEU A 386 -0.71 -14.65 -2.76
N ALA A 387 -1.41 -14.73 -3.89
CA ALA A 387 -2.61 -15.51 -4.04
C ALA A 387 -2.40 -17.02 -3.93
N LEU A 388 -2.21 -17.68 -5.07
CA LEU A 388 -2.04 -19.12 -5.07
C LEU A 388 -1.15 -19.67 -6.16
N SER A 389 -1.05 -20.99 -6.19
CA SER A 389 -0.26 -21.71 -7.17
C SER A 389 -0.86 -23.09 -7.43
N ALA A 390 -1.83 -23.06 -8.33
CA ALA A 390 -2.64 -24.18 -8.77
C ALA A 390 -3.92 -23.59 -9.34
N PRO A 391 -4.34 -22.49 -8.70
CA PRO A 391 -5.45 -21.69 -9.15
C PRO A 391 -4.87 -20.62 -10.08
N GLU A 392 -3.82 -19.96 -9.59
CA GLU A 392 -3.11 -18.99 -10.40
C GLU A 392 -2.62 -19.73 -11.63
N PHE A 393 -2.99 -19.23 -12.80
CA PHE A 393 -2.69 -19.82 -14.09
C PHE A 393 -3.90 -20.59 -14.60
N SER A 394 -4.76 -20.91 -13.65
CA SER A 394 -6.02 -21.56 -13.92
C SER A 394 -7.11 -20.52 -13.82
N LEU A 395 -6.88 -19.57 -12.91
CA LEU A 395 -7.81 -18.47 -12.68
C LEU A 395 -7.43 -17.23 -13.47
N ALA A 396 -7.04 -17.46 -14.71
CA ALA A 396 -6.68 -16.43 -15.65
C ALA A 396 -7.53 -16.60 -16.90
N ALA A 397 -8.26 -17.71 -16.89
CA ALA A 397 -9.15 -18.07 -17.99
C ALA A 397 -10.28 -17.07 -18.16
N CYS A 398 -10.42 -16.16 -17.20
CA CYS A 398 -11.47 -15.17 -17.29
C CYS A 398 -11.52 -14.14 -16.16
N PHE A 399 -11.61 -14.62 -14.91
CA PHE A 399 -11.74 -13.73 -13.76
C PHE A 399 -10.45 -13.15 -13.19
N PRO A 400 -10.64 -11.99 -12.55
CA PRO A 400 -9.63 -11.22 -11.87
C PRO A 400 -10.25 -10.00 -11.21
N PRO A 401 -11.20 -10.26 -10.31
CA PRO A 401 -11.95 -9.28 -9.53
C PRO A 401 -11.57 -7.81 -9.53
N SER A 402 -12.55 -7.03 -9.04
CA SER A 402 -12.63 -5.58 -8.98
C SER A 402 -11.45 -4.76 -8.43
N CYS A 403 -11.78 -3.47 -8.27
CA CYS A 403 -10.89 -2.40 -7.86
C CYS A 403 -10.86 -2.12 -6.36
N ILE A 404 -10.41 -3.10 -5.58
CA ILE A 404 -10.30 -2.92 -4.14
C ILE A 404 -9.45 -1.71 -3.79
N PHE A 405 -9.71 -1.12 -2.63
CA PHE A 405 -8.94 0.00 -2.15
C PHE A 405 -8.19 -0.38 -0.88
N VAL A 406 -7.31 -1.37 -1.05
CA VAL A 406 -6.47 -1.97 -0.02
C VAL A 406 -6.30 -1.15 1.24
N GLY A 407 -6.20 -1.85 2.37
CA GLY A 407 -6.03 -1.21 3.65
C GLY A 407 -5.04 -1.93 4.54
N GLY A 408 -3.77 -1.53 4.43
CA GLY A 408 -2.69 -2.10 5.22
C GLY A 408 -3.03 -2.02 6.70
N LEU A 409 -3.69 -3.06 7.21
CA LEU A 409 -4.10 -3.05 8.60
C LEU A 409 -3.92 -4.40 9.29
N THR A 410 -3.02 -4.44 10.27
CA THR A 410 -2.74 -5.62 11.07
C THR A 410 -2.83 -5.24 12.55
N ARG A 411 -4.06 -5.02 13.02
CA ARG A 411 -4.24 -4.57 14.39
C ARG A 411 -3.76 -5.54 15.46
N ARG A 412 -2.47 -5.40 15.74
CA ARG A 412 -1.74 -6.19 16.71
C ARG A 412 -1.70 -5.56 18.09
N VAL A 413 -2.74 -4.79 18.38
CA VAL A 413 -3.00 -4.10 19.63
C VAL A 413 -2.44 -4.82 20.84
N VAL A 414 -2.25 -4.09 21.95
CA VAL A 414 -1.72 -4.69 23.16
C VAL A 414 -1.79 -3.83 24.40
N VAL A 415 -2.77 -4.08 25.25
CA VAL A 415 -2.85 -3.34 26.49
C VAL A 415 -1.61 -3.58 27.33
N THR A 416 -1.20 -2.58 28.10
CA THR A 416 -0.03 -2.72 28.95
C THR A 416 -0.34 -2.60 30.43
N THR A 417 -1.38 -3.29 30.88
CA THR A 417 -1.71 -3.28 32.29
C THR A 417 -1.32 -4.61 32.90
N SER A 418 -0.05 -4.93 32.73
CA SER A 418 0.52 -6.16 33.21
C SER A 418 2.03 -6.13 33.08
N LEU A 419 2.48 -5.51 31.99
CA LEU A 419 3.89 -5.46 31.70
C LEU A 419 4.34 -4.10 31.20
N SER A 420 4.37 -3.12 32.10
CA SER A 420 4.84 -1.81 31.71
C SER A 420 6.25 -1.98 31.19
N VAL A 421 6.39 -1.91 29.85
CA VAL A 421 7.63 -2.07 29.10
C VAL A 421 8.90 -2.11 29.92
N SER A 422 8.93 -1.28 30.97
CA SER A 422 10.05 -1.22 31.89
C SER A 422 10.21 -2.54 32.63
N GLN A 423 9.09 -3.10 33.09
CA GLN A 423 9.11 -4.36 33.80
C GLN A 423 9.85 -5.40 32.98
N ARG A 424 9.42 -5.56 31.74
CA ARG A 424 10.07 -6.48 30.84
C ARG A 424 11.55 -6.13 30.76
N ALA A 425 11.81 -4.94 30.21
CA ALA A 425 13.14 -4.42 30.08
C ALA A 425 13.91 -4.58 31.38
N THR A 426 13.23 -4.34 32.49
CA THR A 426 13.82 -4.49 33.79
C THR A 426 14.29 -5.93 34.02
N GLU A 427 13.47 -6.86 33.54
CA GLU A 427 13.76 -8.28 33.66
C GLU A 427 14.86 -8.70 32.72
N PHE A 428 14.62 -8.50 31.42
CA PHE A 428 15.59 -8.83 30.40
C PHE A 428 16.93 -8.22 30.74
N CYS A 429 16.86 -7.01 31.28
CA CYS A 429 18.05 -6.29 31.70
C CYS A 429 18.76 -7.02 32.82
N GLN A 430 17.98 -7.76 33.62
CA GLN A 430 18.50 -8.55 34.73
C GLN A 430 19.15 -9.84 34.24
N MET A 431 19.31 -9.94 32.93
CA MET A 431 19.95 -11.08 32.31
C MET A 431 21.07 -10.59 31.42
N ASP A 432 21.38 -9.32 31.61
CA ASP A 432 22.41 -8.61 30.87
C ASP A 432 23.28 -7.80 31.80
N TRP A 433 23.19 -8.15 33.09
CA TRP A 433 23.95 -7.49 34.13
C TRP A 433 24.96 -8.49 34.68
N ARG A 434 24.44 -9.70 34.86
CA ARG A 434 25.23 -10.82 35.33
C ARG A 434 25.85 -11.48 34.13
N ALA B 39 -11.33 -27.40 -10.56
CA ALA B 39 -9.94 -27.75 -10.45
C ALA B 39 -9.37 -28.24 -11.77
N SER B 40 -9.12 -27.32 -12.69
CA SER B 40 -8.57 -27.70 -13.96
C SER B 40 -7.07 -27.39 -14.04
N ALA B 41 -6.46 -27.44 -15.22
CA ALA B 41 -5.02 -27.23 -15.25
C ALA B 41 -4.50 -26.35 -16.38
N SER B 42 -3.83 -25.27 -16.00
CA SER B 42 -3.27 -24.33 -16.94
C SER B 42 -1.95 -23.74 -16.51
N LYS B 43 -0.86 -24.46 -16.79
CA LYS B 43 0.50 -23.98 -16.51
C LYS B 43 0.68 -23.28 -15.17
N ALA B 44 0.73 -24.05 -14.09
CA ALA B 44 0.96 -23.45 -12.78
C ALA B 44 2.41 -23.58 -12.35
N ALA B 45 2.72 -23.08 -11.16
CA ALA B 45 4.08 -23.14 -10.67
C ALA B 45 4.20 -22.99 -9.16
N ALA B 46 4.92 -21.94 -8.76
CA ALA B 46 5.20 -21.56 -7.38
C ALA B 46 6.50 -20.77 -7.35
N PHE B 47 6.38 -19.44 -7.40
CA PHE B 47 7.57 -18.61 -7.44
C PHE B 47 7.76 -17.71 -6.23
N ALA B 48 9.02 -17.58 -5.82
CA ALA B 48 9.41 -16.73 -4.71
C ALA B 48 10.07 -15.46 -5.25
N GLN B 49 9.86 -14.33 -4.58
CA GLN B 49 10.43 -13.09 -5.08
C GLN B 49 10.90 -12.13 -4.00
N GLY B 50 11.48 -11.03 -4.47
CA GLY B 50 12.01 -9.97 -3.61
C GLY B 50 12.20 -8.67 -4.37
N GLY B 51 11.53 -7.62 -3.88
CA GLY B 51 11.60 -6.31 -4.48
C GLY B 51 10.91 -5.25 -3.65
N SER B 52 11.71 -4.32 -3.13
CA SER B 52 11.23 -3.22 -2.33
C SER B 52 12.38 -2.37 -1.84
N SER B 53 12.07 -1.30 -1.11
CA SER B 53 13.09 -0.41 -0.62
C SER B 53 13.22 -0.41 0.89
N ASP B 54 14.27 0.28 1.37
CA ASP B 54 14.53 0.40 2.78
C ASP B 54 15.36 1.63 3.13
N PRO B 55 15.02 2.19 4.29
CA PRO B 55 15.67 3.37 4.82
C PRO B 55 15.85 3.24 6.32
N VAL B 56 16.84 3.93 6.85
CA VAL B 56 17.12 3.89 8.27
C VAL B 56 17.29 5.28 8.85
N PRO B 57 17.06 5.36 10.15
CA PRO B 57 17.20 6.63 10.83
C PRO B 57 17.98 6.48 12.12
N MET B 58 18.52 7.60 12.58
CA MET B 58 19.22 7.67 13.85
C MET B 58 18.31 8.42 14.79
N PRO B 59 17.60 7.67 15.63
CA PRO B 59 16.58 8.25 16.48
C PRO B 59 16.86 8.14 17.96
N GLY B 60 16.12 8.92 18.75
CA GLY B 60 16.21 8.92 20.20
C GLY B 60 16.02 7.53 20.79
N LYS B 61 15.87 6.56 19.88
CA LYS B 61 15.72 5.16 20.18
C LYS B 61 17.00 4.64 20.80
N TYR B 62 18.15 4.97 20.21
CA TYR B 62 19.41 4.55 20.80
C TYR B 62 19.53 5.06 22.22
N PRO B 63 19.11 6.31 22.45
CA PRO B 63 19.14 6.88 23.77
C PRO B 63 18.38 6.08 24.82
N VAL B 64 17.33 5.41 24.40
CA VAL B 64 16.55 4.60 25.32
C VAL B 64 17.23 3.26 25.58
N VAL B 65 18.10 2.89 24.65
CA VAL B 65 18.85 1.65 24.73
C VAL B 65 20.21 1.84 25.40
N PHE B 66 20.59 3.10 25.59
CA PHE B 66 21.87 3.40 26.22
C PHE B 66 21.71 4.23 27.48
N SER B 67 20.47 4.39 27.93
CA SER B 67 20.20 5.18 29.12
C SER B 67 20.89 4.60 30.35
N THR B 68 21.46 3.40 30.16
CA THR B 68 22.18 2.70 31.21
C THR B 68 21.29 1.88 32.12
N GLY B 69 20.20 1.37 31.56
CA GLY B 69 19.29 0.56 32.35
C GLY B 69 19.86 -0.84 32.51
N ALA B 70 20.54 -1.29 31.46
CA ALA B 70 21.14 -2.62 31.37
C ALA B 70 21.94 -3.13 32.55
N GLY B 71 22.64 -2.26 33.27
CA GLY B 71 23.43 -2.75 34.39
C GLY B 71 23.82 -1.69 35.40
N GLU B 72 23.34 -0.47 35.20
CA GLU B 72 23.65 0.63 36.10
C GLU B 72 23.31 0.30 37.55
N PRO B 73 22.22 -0.44 37.74
CA PRO B 73 21.76 -0.82 39.06
C PRO B 73 22.15 -2.25 39.41
N THR B 74 23.29 -2.68 38.91
CA THR B 74 23.78 -4.02 39.17
C THR B 74 24.99 -3.98 40.08
N ARG B 75 24.83 -4.58 41.25
CA ARG B 75 25.92 -4.55 42.21
C ARG B 75 26.76 -5.80 42.32
N ASP B 76 27.78 -5.82 41.47
CA ASP B 76 28.77 -6.86 41.43
C ASP B 76 30.12 -6.17 41.56
N GLN B 77 30.12 -5.20 42.47
CA GLN B 77 31.24 -4.34 42.81
C GLN B 77 32.23 -4.12 41.68
N GLU B 78 31.72 -4.21 40.46
CA GLU B 78 32.49 -4.01 39.26
C GLU B 78 32.84 -2.53 39.17
N PHE B 79 32.37 -1.81 40.18
CA PHE B 79 32.57 -0.38 40.31
C PHE B 79 33.99 -0.04 40.77
N ALA B 80 34.88 -1.00 40.53
CA ALA B 80 36.29 -0.83 40.82
C ALA B 80 36.89 -0.05 39.66
N LEU B 81 36.52 -0.50 38.45
CA LEU B 81 36.93 0.15 37.22
C LEU B 81 36.07 1.38 36.99
N PRO B 82 36.74 2.52 36.89
CA PRO B 82 36.13 3.83 36.73
C PRO B 82 34.94 3.89 35.80
N VAL B 83 34.62 5.12 35.44
CA VAL B 83 33.52 5.56 34.57
C VAL B 83 32.64 4.50 33.91
N HIS B 84 31.40 4.88 33.65
CA HIS B 84 30.43 4.00 33.02
C HIS B 84 29.38 4.79 32.23
N LYS B 85 29.74 6.01 31.83
CA LYS B 85 28.85 6.87 31.08
C LYS B 85 28.72 6.45 29.62
N ALA B 86 29.84 6.55 28.89
CA ALA B 86 29.87 6.21 27.49
C ALA B 86 30.00 4.71 27.26
N PHE B 87 30.66 4.04 28.20
CA PHE B 87 30.91 2.61 28.16
C PHE B 87 29.71 1.82 27.68
N PRO B 88 28.54 2.14 28.25
CA PRO B 88 27.30 1.48 27.90
C PRO B 88 26.82 1.89 26.52
N LEU B 89 26.59 3.20 26.34
CA LEU B 89 26.13 3.72 25.08
C LEU B 89 26.93 3.23 23.89
N PHE B 90 28.26 3.42 23.93
CA PHE B 90 29.10 3.00 22.83
C PHE B 90 29.01 1.52 22.50
N GLY B 91 28.37 0.77 23.39
CA GLY B 91 28.18 -0.65 23.15
C GLY B 91 27.13 -0.84 22.07
N SER B 92 26.65 0.30 21.56
CA SER B 92 25.63 0.33 20.54
C SER B 92 26.14 -0.06 19.16
N VAL B 93 27.26 0.55 18.77
CA VAL B 93 27.85 0.28 17.47
C VAL B 93 28.93 -0.80 17.55
N SER B 94 29.56 -1.07 16.40
CA SER B 94 30.62 -2.07 16.32
C SER B 94 30.08 -3.48 16.21
N ASP B 95 28.77 -3.59 16.04
CA ASP B 95 28.11 -4.88 15.90
C ASP B 95 26.82 -4.76 15.10
N LYS B 96 26.12 -3.66 15.34
CA LYS B 96 24.87 -3.36 14.68
C LYS B 96 25.07 -2.71 13.31
N TYR B 97 26.26 -2.88 12.72
CA TYR B 97 26.50 -2.25 11.42
C TYR B 97 27.51 -2.97 10.55
N ARG B 98 28.05 -4.09 11.03
CA ARG B 98 29.07 -4.82 10.32
C ARG B 98 29.02 -6.32 10.55
N ARG B 99 29.02 -6.70 11.83
CA ARG B 99 28.96 -8.10 12.20
C ARG B 99 27.54 -8.64 12.34
N ASN B 100 26.61 -7.77 12.73
CA ASN B 100 25.23 -8.20 12.88
C ASN B 100 24.44 -8.05 11.58
N PRO B 101 24.27 -6.81 11.11
CA PRO B 101 23.51 -6.53 9.91
C PRO B 101 24.26 -6.76 8.61
N ARG B 102 25.48 -6.25 8.53
CA ARG B 102 26.28 -6.38 7.31
C ARG B 102 26.94 -7.75 7.15
N TYR B 103 26.58 -8.68 8.01
CA TYR B 103 27.12 -10.02 7.96
C TYR B 103 26.27 -10.95 7.10
N ALA B 104 24.95 -10.79 7.21
CA ALA B 104 24.04 -11.63 6.45
C ALA B 104 23.12 -10.80 5.57
N GLU B 105 22.58 -9.73 6.15
CA GLU B 105 21.70 -8.84 5.41
C GLU B 105 22.37 -8.36 4.15
N PHE B 106 23.40 -7.55 4.34
CA PHE B 106 24.15 -6.97 3.24
C PHE B 106 24.66 -8.02 2.28
N ARG B 107 25.72 -8.71 2.67
CA ARG B 107 26.35 -9.73 1.85
C ARG B 107 25.42 -10.75 1.20
N ALA B 108 24.55 -11.36 2.00
CA ALA B 108 23.62 -12.38 1.49
C ALA B 108 22.55 -11.85 0.56
N HIS B 109 22.17 -10.60 0.78
CA HIS B 109 21.17 -9.93 -0.04
C HIS B 109 21.61 -9.86 -1.50
N SER B 110 22.17 -10.95 -2.02
CA SER B 110 22.65 -10.94 -3.39
C SER B 110 23.66 -9.82 -3.48
N GLU B 111 24.36 -9.66 -2.37
CA GLU B 111 25.24 -8.53 -2.24
C GLU B 111 26.68 -8.83 -1.95
N PHE B 112 27.39 -8.91 -3.06
CA PHE B 112 28.80 -9.15 -3.16
C PHE B 112 29.50 -7.88 -2.69
N THR B 113 29.84 -7.89 -1.39
CA THR B 113 30.45 -6.74 -0.73
C THR B 113 31.95 -6.62 -0.86
N ASP B 114 32.39 -5.37 -0.96
CA ASP B 114 33.80 -5.08 -1.03
C ASP B 114 34.43 -5.08 0.35
N GLY B 115 35.58 -5.75 0.44
CA GLY B 115 36.33 -5.89 1.67
C GLY B 115 36.44 -4.59 2.45
N VAL B 116 36.86 -3.52 1.77
CA VAL B 116 37.05 -2.24 2.42
C VAL B 116 35.78 -1.54 2.90
N PHE B 117 35.01 -2.28 3.71
CA PHE B 117 33.78 -1.82 4.34
C PHE B 117 33.41 -2.87 5.38
N GLY B 118 34.16 -3.94 5.26
CA GLY B 118 34.10 -5.12 6.10
C GLY B 118 35.48 -5.72 6.16
N THR B 119 36.48 -4.87 5.87
CA THR B 119 37.88 -5.26 5.89
C THR B 119 38.13 -5.96 7.20
N HIS B 120 37.31 -5.59 8.18
CA HIS B 120 37.37 -6.19 9.47
C HIS B 120 36.07 -6.62 10.12
N LEU B 121 35.77 -7.90 9.89
CA LEU B 121 34.61 -8.56 10.43
C LEU B 121 34.76 -8.63 11.94
N ALA B 122 33.90 -7.90 12.66
CA ALA B 122 34.02 -7.75 14.10
C ALA B 122 33.10 -8.56 15.00
N VAL B 123 33.60 -8.77 16.20
CA VAL B 123 32.93 -9.47 17.29
C VAL B 123 33.22 -8.77 18.61
N SER B 124 32.14 -8.22 19.19
CA SER B 124 32.17 -7.51 20.46
C SER B 124 31.24 -8.21 21.44
N SER B 125 31.80 -9.01 22.33
CA SER B 125 30.99 -9.74 23.30
C SER B 125 30.14 -8.84 24.18
N LEU B 126 30.43 -7.55 24.14
CA LEU B 126 29.68 -6.61 24.94
C LEU B 126 28.24 -6.51 24.46
N LEU B 127 27.97 -7.05 23.27
CA LEU B 127 26.63 -7.03 22.73
C LEU B 127 25.68 -7.56 23.77
N ARG B 128 25.26 -6.66 24.66
CA ARG B 128 24.34 -6.96 25.74
C ARG B 128 23.13 -7.73 25.27
N LEU B 129 22.04 -7.61 26.02
CA LEU B 129 20.83 -8.26 25.60
C LEU B 129 20.21 -7.48 24.46
N ALA B 130 21.01 -6.55 23.93
CA ALA B 130 20.63 -5.69 22.83
C ALA B 130 21.63 -5.74 21.68
N GLN B 131 21.30 -6.57 20.70
CA GLN B 131 22.06 -6.79 19.48
C GLN B 131 21.62 -8.09 18.85
N GLN B 132 21.84 -9.20 19.57
CA GLN B 132 21.33 -10.46 19.10
C GLN B 132 19.81 -10.31 19.11
N LEU B 133 19.41 -9.36 19.97
CA LEU B 133 18.05 -8.93 20.15
C LEU B 133 17.80 -7.81 19.16
N VAL B 134 18.68 -6.80 19.24
CA VAL B 134 18.64 -5.66 18.34
C VAL B 134 18.55 -6.11 16.90
N HIS B 135 19.47 -7.01 16.54
CA HIS B 135 19.53 -7.57 15.21
C HIS B 135 18.19 -8.18 14.82
N ALA B 136 17.70 -9.07 15.70
CA ALA B 136 16.41 -9.69 15.46
C ALA B 136 15.39 -8.59 15.29
N HIS B 137 15.59 -7.55 16.10
CA HIS B 137 14.75 -6.37 16.03
C HIS B 137 14.94 -5.73 14.67
N VAL B 138 16.12 -5.16 14.47
CA VAL B 138 16.45 -4.53 13.21
C VAL B 138 17.23 -5.45 12.29
N ASN B 139 16.50 -6.26 11.53
CA ASN B 139 17.15 -7.14 10.59
C ASN B 139 16.61 -6.93 9.18
N MET B 140 17.49 -6.37 8.34
CA MET B 140 17.18 -6.05 6.95
C MET B 140 16.70 -7.23 6.13
N GLY B 141 15.38 -7.33 5.97
CA GLY B 141 14.78 -8.39 5.19
C GLY B 141 13.28 -8.55 5.46
N LEU B 142 12.53 -8.65 4.37
CA LEU B 142 11.09 -8.83 4.44
C LEU B 142 10.69 -10.24 3.99
N PRO B 143 9.43 -10.58 4.16
CA PRO B 143 8.97 -11.90 3.79
C PRO B 143 8.92 -12.14 2.29
N LEU B 144 8.95 -13.43 1.94
CA LEU B 144 8.85 -13.85 0.56
C LEU B 144 7.42 -14.32 0.30
N GLY B 145 6.80 -14.78 1.38
CA GLY B 145 5.41 -15.19 1.35
C GLY B 145 4.58 -13.96 1.03
N ASP B 146 5.26 -12.82 1.18
CA ASP B 146 4.71 -11.52 0.86
C ASP B 146 5.37 -11.02 -0.42
N PHE B 147 6.46 -10.24 -0.31
CA PHE B 147 7.22 -9.77 -1.48
C PHE B 147 8.11 -8.54 -1.29
N ALA B 148 8.81 -8.42 -0.16
CA ALA B 148 9.65 -7.25 0.01
C ALA B 148 11.08 -7.51 0.48
N PRO B 149 11.91 -6.49 0.25
CA PRO B 149 13.30 -6.46 0.63
C PRO B 149 13.70 -5.08 1.14
N LEU B 150 14.97 -4.89 1.48
CA LEU B 150 15.40 -3.61 2.05
C LEU B 150 16.78 -3.15 1.57
N ALA B 151 17.03 -1.83 1.54
CA ALA B 151 18.30 -1.19 1.21
C ALA B 151 18.29 -0.19 0.06
N SER B 152 19.01 0.90 0.30
CA SER B 152 19.23 1.99 -0.62
C SER B 152 20.38 2.86 -0.14
N SER B 153 21.60 2.46 -0.48
CA SER B 153 22.80 3.18 -0.11
C SER B 153 23.46 2.67 1.17
N ASP B 154 24.22 1.58 1.05
CA ASP B 154 24.97 1.06 2.17
C ASP B 154 26.44 1.39 1.99
N VAL B 155 26.62 2.45 1.22
CA VAL B 155 27.91 3.01 0.89
C VAL B 155 27.98 4.42 1.45
N ARG B 156 26.80 4.88 1.86
CA ARG B 156 26.62 6.20 2.40
C ARG B 156 26.05 6.16 3.81
N ILE B 157 25.16 5.21 4.06
CA ILE B 157 24.57 5.05 5.38
C ILE B 157 25.59 4.67 6.43
N PRO B 158 26.24 3.52 6.24
CA PRO B 158 27.25 3.06 7.15
C PRO B 158 28.31 4.12 7.36
N SER B 159 28.75 4.70 6.24
CA SER B 159 29.75 5.76 6.26
C SER B 159 29.40 6.82 7.29
N ALA B 160 28.10 7.11 7.38
CA ALA B 160 27.59 8.09 8.31
C ALA B 160 27.49 7.50 9.71
N LEU B 161 26.92 6.31 9.80
CA LEU B 161 26.78 5.61 11.07
C LEU B 161 28.11 5.57 11.81
N ALA B 162 29.13 5.08 11.11
CA ALA B 162 30.47 5.01 11.67
C ALA B 162 30.88 6.39 12.16
N SER B 163 30.53 7.38 11.35
CA SER B 163 30.80 8.76 11.68
C SER B 163 30.15 9.11 13.01
N VAL B 164 28.85 8.81 13.11
CA VAL B 164 28.10 9.06 14.31
C VAL B 164 28.71 8.38 15.53
N VAL B 165 29.11 7.12 15.37
CA VAL B 165 29.72 6.38 16.45
C VAL B 165 30.97 7.08 16.93
N ASN B 166 31.66 7.71 15.96
CA ASN B 166 32.87 8.45 16.23
C ASN B 166 32.54 9.88 16.66
N GLN B 167 31.63 10.50 15.89
CA GLN B 167 31.19 11.84 16.18
C GLN B 167 30.55 11.90 17.57
N PHE B 168 29.94 10.79 17.95
CA PHE B 168 29.27 10.68 19.23
C PHE B 168 30.14 10.00 20.29
N GLY B 169 30.50 8.74 20.03
CA GLY B 169 31.30 7.97 20.95
C GLY B 169 32.75 8.45 21.04
N GLU B 170 32.94 9.76 20.89
CA GLU B 170 34.27 10.35 20.97
C GLU B 170 34.22 11.76 21.50
N PHE B 171 33.21 12.51 21.07
CA PHE B 171 33.03 13.88 21.52
C PHE B 171 32.64 13.89 22.99
N SER B 172 31.34 14.00 23.24
CA SER B 172 30.82 13.99 24.61
C SER B 172 29.63 13.07 24.80
N SER B 173 29.94 11.78 24.68
CA SER B 173 29.06 10.63 24.82
C SER B 173 27.55 10.79 24.97
N PRO B 174 27.04 11.84 25.61
CA PRO B 174 25.60 11.90 25.77
C PRO B 174 25.04 13.31 25.81
N SER B 175 24.95 13.95 24.64
CA SER B 175 24.47 15.32 24.58
C SER B 175 23.00 15.47 24.94
N ILE B 176 22.55 14.76 25.98
CA ILE B 176 21.18 14.83 26.49
C ILE B 176 20.11 15.02 25.42
N GLY B 177 19.80 13.96 24.68
CA GLY B 177 18.80 14.06 23.62
C GLY B 177 19.09 15.22 22.68
N THR B 178 18.79 16.44 23.15
CA THR B 178 19.04 17.64 22.38
C THR B 178 20.52 17.76 22.09
N ARG B 179 20.82 17.83 20.80
CA ARG B 179 22.13 17.88 20.19
C ARG B 179 22.42 16.58 19.46
N PHE B 180 23.14 15.67 20.13
CA PHE B 180 23.47 14.39 19.52
C PHE B 180 22.31 13.76 18.78
N LEU B 181 21.14 13.76 19.42
CA LEU B 181 19.97 13.22 18.76
C LEU B 181 19.68 14.02 17.51
N LEU B 182 19.84 15.33 17.63
CA LEU B 182 19.60 16.17 16.48
C LEU B 182 20.49 15.76 15.30
N ARG B 183 21.81 15.75 15.50
CA ARG B 183 22.78 15.35 14.50
C ARG B 183 22.35 14.11 13.74
N ASP B 184 22.00 13.09 14.51
CA ASP B 184 21.59 11.80 14.00
C ASP B 184 20.24 11.84 13.28
N PHE B 185 19.28 12.51 13.89
CA PHE B 185 17.97 12.63 13.29
C PHE B 185 17.87 13.82 12.35
N GLU B 186 18.94 14.62 12.32
CA GLU B 186 19.03 15.77 11.44
C GLU B 186 19.44 15.30 10.05
N HIS B 187 19.60 13.99 9.92
CA HIS B 187 20.04 13.39 8.68
C HIS B 187 21.27 14.11 8.15
N ALA B 188 22.08 14.56 9.12
CA ALA B 188 23.31 15.31 8.98
C ALA B 188 23.90 15.39 7.57
N VAL B 189 24.69 16.46 7.37
CA VAL B 189 25.37 16.75 6.12
C VAL B 189 25.83 15.49 5.41
N SER B 190 25.80 15.52 4.08
CA SER B 190 26.16 14.36 3.30
C SER B 190 27.35 14.55 2.38
N ARG B 191 27.68 13.48 1.68
CA ARG B 191 28.74 13.47 0.70
C ARG B 191 28.15 13.44 -0.70
N VAL B 192 26.87 13.85 -0.76
CA VAL B 192 26.05 13.95 -1.96
C VAL B 192 25.05 12.82 -2.16
N VAL B 193 25.13 11.79 -1.32
CA VAL B 193 24.27 10.64 -1.44
C VAL B 193 23.21 10.51 -0.36
N PHE B 194 23.67 10.56 0.89
CA PHE B 194 22.89 10.46 2.13
C PHE B 194 21.40 10.27 1.96
N LEU B 195 20.87 9.23 2.62
CA LEU B 195 19.46 8.91 2.55
C LEU B 195 18.56 10.06 2.96
N ALA B 196 19.18 11.09 3.56
CA ALA B 196 18.56 12.31 4.06
C ALA B 196 17.21 12.62 3.45
N ASP B 197 17.27 12.89 2.15
CA ASP B 197 16.13 13.24 1.33
C ASP B 197 14.86 12.51 1.72
N GLN B 198 15.04 11.29 2.23
CA GLN B 198 13.92 10.47 2.65
C GLN B 198 13.46 10.86 4.05
N LEU B 199 14.43 11.04 4.94
CA LEU B 199 14.14 11.46 6.30
C LEU B 199 13.60 12.87 6.31
N TRP B 200 13.84 13.56 5.21
CA TRP B 200 13.36 14.93 5.02
C TRP B 200 12.01 14.90 4.33
N THR B 201 11.83 13.93 3.43
CA THR B 201 10.58 13.77 2.72
C THR B 201 9.45 13.55 3.71
N ASN B 202 9.83 12.99 4.85
CA ASN B 202 8.89 12.73 5.93
C ASN B 202 8.12 13.99 6.30
N GLY B 203 8.89 15.07 6.46
CA GLY B 203 8.38 16.38 6.83
C GLY B 203 7.30 16.87 5.88
N ASN B 204 7.71 17.30 4.69
CA ASN B 204 6.79 17.81 3.70
C ASN B 204 5.49 17.02 3.57
N SER B 205 5.61 15.71 3.39
CA SER B 205 4.44 14.87 3.25
C SER B 205 3.46 15.02 4.40
N HIS B 206 3.97 14.95 5.63
CA HIS B 206 3.14 15.05 6.82
C HIS B 206 2.23 16.28 6.82
N HIS B 207 2.80 17.42 6.45
CA HIS B 207 2.07 18.68 6.43
C HIS B 207 1.00 18.74 5.34
N ILE B 208 1.37 18.36 4.13
CA ILE B 208 0.42 18.40 3.03
C ILE B 208 -0.57 17.23 3.08
N PHE B 209 -1.71 17.50 3.69
CA PHE B 209 -2.77 16.52 3.86
C PHE B 209 -3.35 16.09 2.53
N ALA B 210 -4.19 16.95 1.96
CA ALA B 210 -4.81 16.69 0.67
C ALA B 210 -3.78 16.28 -0.37
N ARG B 211 -2.67 17.01 -0.39
CA ARG B 211 -1.60 16.76 -1.32
C ARG B 211 -0.92 15.40 -1.15
N SER B 212 -1.15 14.54 -2.13
CA SER B 212 -0.50 13.25 -2.19
C SER B 212 0.48 13.28 -3.35
N TRP B 213 1.73 12.91 -3.09
CA TRP B 213 2.77 13.00 -4.09
C TRP B 213 3.15 11.68 -4.76
N LEU B 214 3.53 11.80 -6.03
CA LEU B 214 4.04 10.68 -6.79
C LEU B 214 5.42 10.36 -6.24
N PRO B 215 5.73 9.08 -6.11
CA PRO B 215 7.00 8.63 -5.56
C PRO B 215 8.19 9.43 -6.07
N MET B 216 7.99 10.10 -7.20
CA MET B 216 9.02 10.92 -7.80
C MET B 216 9.61 11.88 -6.80
N SER B 217 8.76 12.31 -5.86
CA SER B 217 9.16 13.24 -4.82
C SER B 217 10.23 12.68 -3.92
N ASN B 218 10.45 11.37 -4.02
CA ASN B 218 11.45 10.69 -3.24
C ASN B 218 12.85 10.93 -3.80
N ASN B 219 12.91 11.41 -5.04
CA ASN B 219 14.17 11.67 -5.70
C ASN B 219 14.67 13.10 -5.43
N ASP B 220 13.72 13.99 -5.17
CA ASP B 220 13.96 15.40 -4.92
C ASP B 220 15.17 15.69 -4.04
N GLY B 221 15.65 14.66 -3.36
CA GLY B 221 16.77 14.82 -2.45
C GLY B 221 17.90 15.64 -3.07
N ASN B 222 18.39 15.16 -4.19
CA ASN B 222 19.44 15.86 -4.91
C ASN B 222 18.94 16.33 -6.25
N PHE B 223 19.68 17.28 -6.83
CA PHE B 223 19.41 17.95 -8.10
C PHE B 223 19.27 19.45 -7.91
N LYS B 224 19.46 20.20 -9.00
CA LYS B 224 19.37 21.64 -9.01
C LYS B 224 17.96 22.16 -9.20
N THR B 225 17.55 22.28 -10.46
CA THR B 225 16.24 22.79 -10.84
C THR B 225 15.08 21.92 -10.42
N ILE B 226 15.10 20.66 -10.85
CA ILE B 226 14.03 19.69 -10.57
C ILE B 226 13.46 19.71 -9.16
N VAL B 227 14.05 20.52 -8.29
CA VAL B 227 13.58 20.69 -6.93
C VAL B 227 12.77 21.98 -6.83
N ALA B 228 12.75 22.71 -7.95
CA ALA B 228 12.02 23.96 -8.08
C ALA B 228 11.03 23.93 -9.23
N SER B 229 10.83 22.74 -9.78
CA SER B 229 9.88 22.54 -10.86
C SER B 229 8.90 21.42 -10.52
N ARG B 230 9.43 20.21 -10.35
CA ARG B 230 8.62 19.07 -9.96
C ARG B 230 8.00 19.38 -8.62
N LEU B 231 8.84 19.31 -7.59
CA LEU B 231 8.44 19.66 -6.23
C LEU B 231 8.86 21.12 -6.03
N LEU B 232 8.07 21.89 -5.27
CA LEU B 232 8.32 23.31 -5.02
C LEU B 232 7.46 24.25 -5.84
N GLU B 233 7.33 23.91 -7.11
CA GLU B 233 6.58 24.72 -8.04
C GLU B 233 5.33 23.99 -8.49
N PHE B 234 5.53 22.96 -9.29
CA PHE B 234 4.44 22.16 -9.80
C PHE B 234 3.74 21.43 -8.66
N ILE B 235 4.50 20.56 -7.99
CA ILE B 235 4.00 19.84 -6.84
C ILE B 235 3.97 20.71 -5.59
N SER B 236 3.79 22.01 -5.82
CA SER B 236 3.71 23.01 -4.76
C SER B 236 2.78 24.15 -5.15
N ALA B 237 3.11 24.88 -6.21
CA ALA B 237 2.20 25.93 -6.68
C ALA B 237 0.84 25.32 -6.97
N GLY B 238 0.84 24.00 -6.94
CA GLY B 238 -0.34 23.18 -7.08
C GLY B 238 -0.83 22.76 -5.69
N ASP B 239 -0.04 21.94 -5.00
CA ASP B 239 -0.41 21.48 -3.67
C ASP B 239 0.08 22.38 -2.54
N LEU B 240 1.12 23.16 -2.80
CA LEU B 240 1.66 24.11 -1.84
C LEU B 240 0.78 25.34 -1.79
N SER B 241 0.33 25.80 -2.95
CA SER B 241 -0.54 26.95 -3.06
C SER B 241 -1.91 26.66 -2.45
N ILE B 242 -2.00 25.50 -1.79
CA ILE B 242 -3.23 25.07 -1.16
C ILE B 242 -3.03 24.79 0.33
N LEU B 243 -2.01 23.99 0.66
CA LEU B 243 -1.75 23.66 2.05
C LEU B 243 -1.42 24.92 2.87
N PRO B 244 -1.06 26.00 2.16
CA PRO B 244 -0.82 27.29 2.80
C PRO B 244 -0.58 28.36 1.75
N THR B 245 -1.67 28.91 1.22
CA THR B 245 -1.63 29.91 0.16
C THR B 245 -1.57 31.34 0.69
N VAL B 246 -0.50 31.64 1.44
CA VAL B 246 -0.31 32.96 2.01
C VAL B 246 -0.52 34.08 1.01
N LEU B 247 0.25 34.04 -0.08
CA LEU B 247 0.18 35.05 -1.11
C LEU B 247 0.49 36.44 -0.59
N GLU B 248 1.17 36.48 0.55
CA GLU B 248 1.56 37.72 1.20
C GLU B 248 2.16 38.72 0.23
N ASP B 249 1.96 39.99 0.54
CA ASP B 249 2.49 41.08 -0.25
C ASP B 249 3.45 41.90 0.60
N ALA B 250 4.49 42.41 -0.04
CA ALA B 250 5.50 43.23 0.59
C ALA B 250 5.87 42.77 1.99
N VAL B 251 5.89 41.45 2.18
CA VAL B 251 6.24 40.87 3.47
C VAL B 251 6.99 39.56 3.33
N LEU B 252 7.29 39.20 2.10
CA LEU B 252 8.01 37.97 1.79
C LEU B 252 7.44 36.76 2.49
N SER B 253 6.90 35.86 1.68
CA SER B 253 6.31 34.63 2.16
C SER B 253 7.24 33.90 3.11
N GLY B 254 7.32 34.41 4.33
CA GLY B 254 8.11 33.83 5.38
C GLY B 254 7.32 32.73 6.07
N GLU B 255 7.88 31.55 6.16
CA GLU B 255 7.14 30.47 6.74
C GLU B 255 5.89 30.21 5.92
N VAL B 256 5.02 29.33 6.42
CA VAL B 256 3.85 28.97 5.65
C VAL B 256 4.41 28.40 4.35
N PRO B 257 4.52 27.06 4.31
CA PRO B 257 5.08 26.29 3.22
C PRO B 257 6.30 26.94 2.61
N GLU B 258 6.10 28.10 2.00
CA GLU B 258 7.18 28.83 1.34
C GLU B 258 8.32 29.22 2.28
N ALA B 259 9.24 28.26 2.41
CA ALA B 259 10.41 28.34 3.25
C ALA B 259 10.95 26.92 3.39
N TRP B 260 10.01 26.00 3.55
CA TRP B 260 10.30 24.59 3.59
C TRP B 260 10.71 24.19 2.19
N GLU B 261 10.06 24.87 1.25
CA GLU B 261 10.30 24.73 -0.17
C GLU B 261 11.66 25.34 -0.47
N GLN B 262 11.89 26.53 0.09
CA GLN B 262 13.16 27.21 -0.07
C GLN B 262 14.27 26.36 0.51
N VAL B 263 14.08 25.91 1.74
CA VAL B 263 15.03 25.03 2.37
C VAL B 263 15.20 23.82 1.49
N LYS B 264 14.10 23.48 0.82
CA LYS B 264 14.08 22.38 -0.12
C LYS B 264 14.90 22.78 -1.34
N ASP B 265 14.61 23.98 -1.83
CA ASP B 265 15.35 24.52 -2.96
C ASP B 265 16.81 24.59 -2.58
N LEU B 266 17.07 24.95 -1.32
CA LEU B 266 18.43 25.01 -0.83
C LEU B 266 19.06 23.64 -0.96
N LEU B 267 18.47 22.67 -0.25
CA LEU B 267 18.94 21.30 -0.27
C LEU B 267 19.17 20.81 -1.69
N GLY B 268 18.58 21.53 -2.64
CA GLY B 268 18.73 21.25 -4.05
C GLY B 268 19.97 21.94 -4.61
N ASP B 269 20.03 23.26 -4.41
CA ASP B 269 21.16 24.05 -4.87
C ASP B 269 21.72 24.93 -3.76
N ALA B 270 22.79 24.42 -3.14
CA ALA B 270 23.52 25.02 -2.03
C ALA B 270 24.16 24.03 -1.06
N PRO B 271 24.01 22.72 -1.31
CA PRO B 271 24.65 21.73 -0.47
C PRO B 271 25.35 20.72 -1.35
N GLY B 272 25.01 20.76 -2.64
CA GLY B 272 25.57 19.87 -3.63
C GLY B 272 26.68 20.55 -4.41
N VAL B 273 26.85 21.84 -4.17
CA VAL B 273 27.89 22.58 -4.87
C VAL B 273 29.24 22.42 -4.18
N GLY B 274 29.28 21.58 -3.16
CA GLY B 274 30.51 21.32 -2.45
C GLY B 274 30.43 21.52 -0.94
N GLN B 275 31.60 21.80 -0.36
CA GLN B 275 31.76 22.05 1.06
C GLN B 275 31.86 23.54 1.35
N VAL B 276 32.73 23.88 2.30
CA VAL B 276 32.92 25.26 2.70
C VAL B 276 31.72 25.78 3.49
N ASP B 277 31.93 26.85 4.25
CA ASP B 277 30.86 27.42 5.04
C ASP B 277 29.64 27.72 4.19
N ARG B 278 29.89 28.07 2.92
CA ARG B 278 28.83 28.37 1.99
C ARG B 278 27.75 27.28 2.00
N ARG B 279 28.15 26.10 2.45
CA ARG B 279 27.27 24.95 2.54
C ARG B 279 26.69 24.80 3.93
N ASP B 280 27.57 24.61 4.92
CA ASP B 280 27.10 24.51 6.28
C ASP B 280 26.33 25.77 6.59
N ARG B 281 27.04 26.90 6.54
CA ARG B 281 26.44 28.19 6.76
C ARG B 281 25.13 28.33 5.99
N PHE B 282 25.10 27.76 4.78
CA PHE B 282 23.89 27.79 3.96
C PHE B 282 23.12 26.49 3.93
N ASP B 283 23.32 25.70 4.98
CA ASP B 283 22.58 24.48 5.24
C ASP B 283 22.05 24.77 6.62
N PHE B 284 22.95 25.40 7.34
CA PHE B 284 22.77 25.89 8.67
C PHE B 284 21.87 27.12 8.61
N LEU B 285 22.08 27.96 7.61
CA LEU B 285 21.23 29.12 7.45
C LEU B 285 19.82 28.61 7.16
N PHE B 286 19.79 27.51 6.43
CA PHE B 286 18.55 26.87 6.03
C PHE B 286 18.03 25.91 7.09
N LYS B 287 18.87 25.60 8.09
CA LYS B 287 18.48 24.76 9.20
C LYS B 287 18.60 25.51 10.51
N SER B 288 19.01 26.79 10.41
CA SER B 288 19.26 27.71 11.52
C SER B 288 18.23 28.80 11.69
N TYR B 289 18.56 30.01 11.26
CA TYR B 289 17.66 31.12 11.49
C TYR B 289 16.68 31.40 10.36
N ALA B 290 15.56 32.05 10.75
CA ALA B 290 14.47 32.36 9.84
C ALA B 290 13.70 31.08 9.53
N ASP B 291 14.47 30.00 9.44
CA ASP B 291 13.97 28.67 9.18
C ASP B 291 13.66 27.94 10.48
N VAL B 292 13.54 28.72 11.56
CA VAL B 292 13.19 28.18 12.85
C VAL B 292 11.80 27.56 12.82
N GLY B 293 11.17 27.71 11.65
CA GLY B 293 9.82 27.22 11.38
C GLY B 293 9.87 25.99 10.49
N GLN B 294 11.03 25.82 9.85
CA GLN B 294 11.28 24.68 8.98
C GLN B 294 11.88 23.56 9.81
N PHE B 295 12.58 23.91 10.89
CA PHE B 295 13.15 22.90 11.78
C PHE B 295 12.09 22.33 12.69
N THR B 296 11.01 23.08 12.83
CA THR B 296 9.89 22.69 13.68
C THR B 296 9.16 21.54 13.01
N THR B 297 9.12 21.55 11.67
CA THR B 297 8.44 20.48 10.97
C THR B 297 9.12 19.14 11.20
N ALA B 298 10.41 19.10 10.87
CA ALA B 298 11.24 17.91 11.03
C ALA B 298 11.77 17.81 12.45
N PHE B 299 13.09 17.74 12.56
CA PHE B 299 13.73 17.66 13.86
C PHE B 299 14.93 18.59 13.95
N THR B 300 15.05 19.26 15.10
CA THR B 300 16.13 20.20 15.29
C THR B 300 16.16 20.92 16.62
N THR B 301 17.37 21.30 17.00
CA THR B 301 17.67 22.04 18.20
C THR B 301 18.91 22.88 17.94
N GLN B 302 18.86 24.16 18.33
CA GLN B 302 20.00 25.04 18.10
C GLN B 302 21.30 24.51 18.67
N ALA B 303 21.24 23.27 19.09
CA ALA B 303 22.31 22.54 19.71
C ALA B 303 22.84 21.42 18.83
N ALA B 304 22.29 21.24 17.65
CA ALA B 304 22.72 20.28 16.68
C ALA B 304 23.49 21.02 15.66
N SER B 305 22.75 22.00 15.21
CA SER B 305 23.21 22.92 14.21
C SER B 305 24.32 23.76 14.77
N ASP B 306 23.96 24.75 15.57
CA ASP B 306 24.99 25.61 16.10
C ASP B 306 25.98 24.87 16.98
N VAL B 307 25.56 23.74 17.55
CA VAL B 307 26.46 22.94 18.35
C VAL B 307 27.15 21.89 17.49
N LEU B 308 26.45 20.80 17.23
CA LEU B 308 27.00 19.72 16.40
C LEU B 308 27.56 20.22 15.08
N THR B 309 26.71 20.86 14.29
CA THR B 309 27.08 21.40 12.99
C THR B 309 28.30 22.31 13.06
N GLU B 310 28.32 23.22 14.02
CA GLU B 310 29.47 24.12 14.21
C GLU B 310 30.58 23.43 15.00
N LEU B 311 30.37 22.11 15.16
CA LEU B 311 31.29 21.25 15.88
C LEU B 311 31.68 20.02 15.05
N GLY B 312 31.69 20.12 13.72
CA GLY B 312 32.02 18.90 12.99
C GLY B 312 32.88 19.13 11.75
N LEU B 313 32.76 20.32 11.19
CA LEU B 313 33.49 20.61 9.98
C LEU B 313 32.92 19.74 8.86
N PRO B 314 32.08 20.36 8.02
CA PRO B 314 31.39 19.73 6.90
C PRO B 314 31.92 18.38 6.45
N TRP B 315 33.23 18.21 6.56
CA TRP B 315 33.92 16.99 6.21
C TRP B 315 33.71 15.91 7.27
N ASN B 316 32.91 16.23 8.28
CA ASN B 316 32.65 15.28 9.34
C ASN B 316 31.69 14.18 8.91
N SER B 317 31.20 14.31 7.67
CA SER B 317 30.28 13.37 7.09
C SER B 317 30.83 12.71 5.82
N PRO B 318 31.70 13.45 5.11
CA PRO B 318 32.36 12.92 3.93
C PRO B 318 33.56 12.09 4.29
N SER B 319 34.77 12.57 4.00
CA SER B 319 35.90 11.76 4.36
C SER B 319 35.96 11.34 5.82
N ALA B 320 35.14 11.98 6.66
CA ALA B 320 35.09 11.53 8.03
C ALA B 320 34.55 10.11 7.93
N GLY B 321 33.54 9.99 7.08
CA GLY B 321 32.94 8.70 6.77
C GLY B 321 34.00 7.76 6.24
N HIS B 322 35.07 8.34 5.68
CA HIS B 322 36.18 7.56 5.17
C HIS B 322 37.18 7.26 6.28
N LEU B 323 37.77 8.34 6.80
CA LEU B 323 38.74 8.22 7.88
C LEU B 323 38.14 7.52 9.10
N ASN B 324 36.81 7.46 9.12
CA ASN B 324 36.12 6.77 10.20
C ASN B 324 36.09 5.27 9.92
N TRP B 325 36.44 4.93 8.69
CA TRP B 325 36.52 3.55 8.25
C TRP B 325 37.94 3.05 8.13
N GLN B 326 38.87 3.96 7.84
CA GLN B 326 40.27 3.57 7.70
C GLN B 326 41.19 4.25 8.70
N TYR B 327 40.60 4.58 9.84
CA TYR B 327 41.25 5.20 10.97
C TYR B 327 40.37 5.01 12.19
N SER B 328 39.08 5.25 11.97
CA SER B 328 38.11 5.07 13.02
C SER B 328 37.70 3.61 13.10
N THR B 329 37.72 2.94 11.96
CA THR B 329 37.40 1.52 11.93
C THR B 329 38.59 0.72 12.43
N LYS B 330 39.78 1.32 12.27
CA LYS B 330 41.01 0.73 12.77
C LYS B 330 41.20 1.15 14.22
N GLN B 331 40.49 2.22 14.57
CA GLN B 331 40.44 2.75 15.92
C GLN B 331 39.21 2.16 16.55
N ARG B 332 38.32 1.72 15.65
CA ARG B 332 37.15 0.98 16.02
C ARG B 332 37.81 -0.19 16.74
N PHE B 333 38.91 -0.60 16.12
CA PHE B 333 39.73 -1.65 16.65
C PHE B 333 40.04 -1.36 18.10
N THR B 334 40.81 -0.30 18.31
CA THR B 334 41.18 0.10 19.64
C THR B 334 39.93 0.09 20.50
N PHE B 335 38.93 0.86 20.11
CA PHE B 335 37.68 0.90 20.84
C PHE B 335 36.97 -0.45 20.93
N LEU B 336 37.32 -1.35 20.02
CA LEU B 336 36.75 -2.68 19.99
C LEU B 336 37.62 -3.60 20.85
N ALA B 337 38.92 -3.50 20.61
CA ALA B 337 39.91 -4.22 21.38
C ALA B 337 39.80 -3.73 22.81
N ASP B 338 39.65 -2.42 22.96
CA ASP B 338 39.45 -1.83 24.26
C ASP B 338 38.21 -2.49 24.83
N THR B 339 37.25 -2.68 23.93
CA THR B 339 36.02 -3.34 24.27
C THR B 339 36.30 -4.82 24.56
N TRP B 340 37.03 -5.45 23.64
CA TRP B 340 37.41 -6.84 23.82
C TRP B 340 38.59 -6.99 24.78
N ALA B 341 38.91 -5.89 25.45
CA ALA B 341 39.97 -5.92 26.43
C ALA B 341 39.49 -5.36 27.75
N LYS B 342 38.93 -4.16 27.69
CA LYS B 342 38.41 -3.52 28.90
C LYS B 342 37.13 -4.16 29.35
N LEU B 343 36.03 -3.66 28.78
CA LEU B 343 34.72 -4.17 29.09
C LEU B 343 34.66 -5.69 29.02
N SER B 344 35.62 -6.28 28.30
CA SER B 344 35.69 -7.73 28.25
C SER B 344 35.90 -8.23 29.65
N ALA B 345 36.73 -7.48 30.38
CA ALA B 345 37.05 -7.74 31.77
C ALA B 345 35.77 -7.95 32.56
N ALA B 346 34.65 -7.53 31.99
CA ALA B 346 33.35 -7.73 32.60
C ALA B 346 33.01 -9.21 32.58
N TYR B 347 34.03 -10.03 32.30
CA TYR B 347 33.88 -11.47 32.27
C TYR B 347 33.21 -11.94 33.57
N SER B 348 33.48 -11.22 34.64
CA SER B 348 32.95 -11.56 35.96
C SER B 348 31.62 -10.90 36.31
N GLN B 349 30.58 -11.52 35.78
CA GLN B 349 29.18 -11.17 35.95
C GLN B 349 28.42 -12.37 35.42
N PHE B 350 28.70 -12.68 34.14
CA PHE B 350 28.21 -13.85 33.42
C PHE B 350 26.91 -13.69 32.62
N PHE B 351 26.91 -12.77 31.65
CA PHE B 351 25.72 -12.55 30.83
C PHE B 351 26.01 -12.44 29.34
N GLU B 352 27.17 -11.87 29.03
CA GLU B 352 27.56 -11.64 27.65
C GLU B 352 28.01 -12.90 26.93
N LEU B 353 28.16 -12.76 25.61
CA LEU B 353 28.60 -13.81 24.72
C LEU B 353 29.33 -13.20 23.53
N SER B 354 29.93 -14.04 22.70
CA SER B 354 30.65 -13.53 21.54
C SER B 354 29.93 -13.72 20.23
N SER B 355 30.42 -12.98 19.24
CA SER B 355 29.90 -13.03 17.89
C SER B 355 30.60 -14.13 17.13
N GLY B 356 29.85 -15.18 16.83
CA GLY B 356 30.44 -16.32 16.16
C GLY B 356 30.12 -16.36 14.69
N LEU B 357 30.28 -15.22 14.01
CA LEU B 357 30.05 -15.19 12.59
C LEU B 357 28.66 -15.69 12.25
N ALA B 358 27.81 -14.81 11.76
CA ALA B 358 26.51 -15.24 11.33
C ALA B 358 26.71 -16.17 10.15
N THR B 359 26.26 -15.73 8.97
CA THR B 359 26.44 -16.50 7.75
C THR B 359 25.69 -17.82 7.77
N ARG B 360 25.32 -18.19 8.99
CA ARG B 360 24.55 -19.36 9.30
C ARG B 360 23.40 -18.86 10.13
N GLN B 361 23.71 -17.81 10.88
CA GLN B 361 22.75 -17.14 11.73
C GLN B 361 21.83 -16.26 10.91
N SER B 362 22.26 -15.82 9.73
CA SER B 362 21.43 -14.97 8.90
C SER B 362 21.17 -13.61 9.56
N ALA B 363 20.40 -12.77 8.85
CA ALA B 363 20.15 -11.42 9.33
C ALA B 363 18.92 -10.73 8.73
N THR B 364 17.98 -11.53 8.23
CA THR B 364 16.76 -11.01 7.64
C THR B 364 15.56 -11.85 8.06
N GLY B 365 14.38 -11.25 8.11
CA GLY B 365 13.21 -12.02 8.49
C GLY B 365 12.24 -11.22 9.34
N SER B 366 12.76 -10.38 10.23
CA SER B 366 11.89 -9.60 11.08
C SER B 366 11.15 -8.50 10.30
N HIS B 367 9.83 -8.57 10.40
CA HIS B 367 8.96 -7.62 9.77
C HIS B 367 9.08 -6.27 10.45
N ALA B 368 10.29 -5.72 10.47
CA ALA B 368 10.50 -4.44 11.08
C ALA B 368 9.66 -3.37 10.37
N GLN B 369 9.02 -3.77 9.27
CA GLN B 369 8.20 -2.85 8.54
C GLN B 369 7.12 -2.21 9.42
N MET B 370 6.64 -1.06 8.96
CA MET B 370 5.65 -0.26 9.65
C MET B 370 5.70 -0.28 11.17
N VAL B 371 6.31 0.79 11.66
CA VAL B 371 6.50 1.03 13.07
C VAL B 371 5.28 0.67 13.91
N ASP B 372 5.50 -0.31 14.79
CA ASP B 372 4.47 -0.78 15.70
C ASP B 372 4.49 -0.05 17.03
N LEU B 373 3.86 1.12 17.07
CA LEU B 373 3.83 1.91 18.28
C LEU B 373 2.66 2.88 18.37
N THR B 374 2.08 2.92 19.56
CA THR B 374 0.95 3.77 19.88
C THR B 374 0.50 3.58 21.34
N SER B 375 1.01 4.44 22.22
CA SER B 375 0.71 4.32 23.63
C SER B 375 -0.32 5.31 24.17
N VAL B 376 -1.31 4.74 24.87
CA VAL B 376 -2.39 5.47 25.53
C VAL B 376 -2.88 4.65 26.71
N GLU B 377 -2.38 4.97 27.91
CA GLU B 377 -2.71 4.23 29.12
C GLU B 377 -2.15 2.83 29.01
N GLY B 378 -2.53 2.18 27.92
CA GLY B 378 -2.08 0.86 27.57
C GLY B 378 -1.46 0.90 26.18
N VAL B 379 -0.47 0.05 25.93
CA VAL B 379 0.17 0.08 24.63
C VAL B 379 -0.70 -0.48 23.52
N THR B 380 -0.25 -0.24 22.30
CA THR B 380 -0.95 -0.71 21.12
C THR B 380 -0.03 -0.78 19.92
N VAL B 381 0.45 -2.00 19.67
CA VAL B 381 1.33 -2.29 18.57
C VAL B 381 0.49 -2.38 17.30
N LEU B 382 0.64 -1.46 16.34
CA LEU B 382 -0.22 -1.56 15.15
C LEU B 382 0.51 -1.63 13.85
N LYS B 383 -0.28 -1.84 12.79
CA LYS B 383 0.12 -1.78 11.39
C LYS B 383 0.59 -2.99 10.57
N ALA B 384 0.33 -2.87 9.28
CA ALA B 384 0.62 -3.91 8.31
C ALA B 384 2.05 -4.44 8.31
N ALA B 385 2.17 -5.76 8.11
CA ALA B 385 3.43 -6.52 8.16
C ALA B 385 3.19 -7.68 9.11
N LEU B 386 2.42 -8.62 8.65
CA LEU B 386 2.06 -9.77 9.44
C LEU B 386 3.30 -10.45 10.00
N ALA B 387 3.95 -9.69 10.87
CA ALA B 387 5.20 -10.02 11.52
C ALA B 387 5.16 -11.39 12.14
N LEU B 388 5.06 -11.41 13.47
CA LEU B 388 5.09 -12.65 14.20
C LEU B 388 4.26 -12.62 15.48
N SER B 389 4.29 -13.76 16.15
CA SER B 389 3.62 -13.98 17.42
C SER B 389 4.48 -14.82 18.35
N ALA B 390 5.29 -14.09 19.13
CA ALA B 390 6.27 -14.58 20.07
C ALA B 390 7.35 -13.51 20.16
N PRO B 391 7.64 -12.93 18.99
CA PRO B 391 8.55 -11.82 18.87
C PRO B 391 7.73 -10.56 19.02
N GLU B 392 6.62 -10.51 18.30
CA GLU B 392 5.69 -9.40 18.43
C GLU B 392 5.27 -9.38 19.89
N PHE B 393 5.39 -8.21 20.51
CA PHE B 393 5.11 -8.04 21.93
C PHE B 393 6.39 -8.14 22.74
N SER B 394 7.36 -8.83 22.15
CA SER B 394 8.69 -8.97 22.71
C SER B 394 9.50 -7.79 22.22
N LEU B 395 8.94 -7.18 21.18
CA LEU B 395 9.49 -6.04 20.47
C LEU B 395 9.60 -4.80 21.35
N ALA B 396 8.96 -4.85 22.53
CA ALA B 396 8.96 -3.72 23.44
C ALA B 396 10.35 -3.14 23.64
N ALA B 397 11.32 -4.04 23.80
CA ALA B 397 12.70 -3.66 23.96
C ALA B 397 13.13 -2.71 22.88
N CYS B 398 12.74 -3.04 21.64
CA CYS B 398 13.07 -2.24 20.48
C CYS B 398 12.13 -2.50 19.31
N PHE B 399 11.29 -1.53 19.00
CA PHE B 399 10.43 -1.66 17.85
C PHE B 399 11.19 -1.20 16.62
N PRO B 400 11.77 -2.17 15.93
CA PRO B 400 12.57 -1.91 14.74
C PRO B 400 11.78 -1.16 13.69
N PRO B 401 12.41 -0.15 13.07
CA PRO B 401 11.73 0.61 12.06
C PRO B 401 12.67 1.04 10.94
N SER B 402 12.42 0.52 9.74
CA SER B 402 13.16 0.91 8.56
C SER B 402 12.25 1.81 7.77
N CYS B 403 12.67 3.05 7.54
CA CYS B 403 11.86 4.05 6.84
C CYS B 403 11.37 3.63 5.46
N ILE B 404 11.16 2.32 5.30
CA ILE B 404 10.73 1.69 4.08
C ILE B 404 9.73 2.50 3.28
N PHE B 405 9.72 2.19 1.99
CA PHE B 405 8.80 2.79 1.04
C PHE B 405 7.68 1.82 0.73
N VAL B 406 8.03 0.53 0.69
CA VAL B 406 7.06 -0.51 0.42
C VAL B 406 6.68 -0.58 -1.05
N GLY B 407 6.97 -1.71 -1.68
CA GLY B 407 6.65 -1.88 -3.08
C GLY B 407 5.80 -3.11 -3.36
N GLY B 408 4.49 -2.92 -3.41
CA GLY B 408 3.57 -4.01 -3.69
C GLY B 408 3.93 -4.70 -4.98
N LEU B 409 4.90 -5.62 -4.91
CA LEU B 409 5.35 -6.31 -6.11
C LEU B 409 5.42 -7.82 -5.98
N THR B 410 4.61 -8.49 -6.80
CA THR B 410 4.60 -9.94 -6.88
C THR B 410 4.63 -10.37 -8.32
N ARG B 411 5.81 -10.19 -8.91
CA ARG B 411 6.07 -10.46 -10.30
C ARG B 411 5.90 -11.91 -10.72
N ARG B 412 4.65 -12.33 -10.85
CA ARG B 412 4.37 -13.67 -11.32
C ARG B 412 4.58 -13.69 -12.83
N VAL B 413 5.79 -13.32 -13.24
CA VAL B 413 6.16 -13.26 -14.65
C VAL B 413 5.93 -14.60 -15.35
N VAL B 414 5.22 -14.58 -16.47
CA VAL B 414 4.93 -15.82 -17.15
C VAL B 414 4.84 -15.72 -18.66
N VAL B 415 5.76 -16.43 -19.30
CA VAL B 415 5.77 -16.55 -20.74
C VAL B 415 4.83 -17.68 -21.12
N THR B 416 4.23 -17.60 -22.29
CA THR B 416 3.37 -18.70 -22.65
C THR B 416 3.60 -19.29 -24.03
N THR B 417 4.88 -19.37 -24.38
CA THR B 417 5.31 -19.94 -25.64
C THR B 417 5.08 -21.44 -25.62
N SER B 418 3.92 -21.83 -25.13
CA SER B 418 3.54 -23.23 -25.05
C SER B 418 2.09 -23.39 -24.62
N LEU B 419 1.42 -22.28 -24.34
CA LEU B 419 0.04 -22.31 -23.92
C LEU B 419 -0.69 -21.01 -24.17
N SER B 420 -0.83 -20.62 -25.43
CA SER B 420 -1.55 -19.40 -25.75
C SER B 420 -2.91 -19.48 -25.08
N VAL B 421 -3.02 -18.80 -23.93
CA VAL B 421 -4.19 -18.72 -23.04
C VAL B 421 -5.40 -19.44 -23.59
N SER B 422 -5.63 -19.18 -24.86
CA SER B 422 -6.66 -19.79 -25.65
C SER B 422 -6.59 -21.31 -25.59
N GLN B 423 -5.40 -21.87 -25.83
CA GLN B 423 -5.19 -23.32 -25.82
C GLN B 423 -5.93 -23.98 -24.68
N ARG B 424 -5.67 -23.45 -23.50
CA ARG B 424 -6.34 -23.90 -22.32
C ARG B 424 -7.85 -23.78 -22.57
N ALA B 425 -8.24 -22.55 -22.94
CA ALA B 425 -9.63 -22.20 -23.24
C ALA B 425 -10.41 -23.30 -23.94
N THR B 426 -10.00 -23.70 -25.14
CA THR B 426 -10.73 -24.77 -25.80
C THR B 426 -10.70 -26.04 -24.97
N GLU B 427 -9.52 -26.39 -24.47
CA GLU B 427 -9.37 -27.57 -23.65
C GLU B 427 -10.40 -27.61 -22.53
N PHE B 428 -10.49 -26.52 -21.80
CA PHE B 428 -11.45 -26.39 -20.73
C PHE B 428 -12.84 -26.27 -21.32
N CYS B 429 -12.92 -25.46 -22.37
CA CYS B 429 -14.16 -25.26 -23.11
C CYS B 429 -14.70 -26.59 -23.59
N GLN B 430 -13.78 -27.52 -23.84
CA GLN B 430 -14.13 -28.84 -24.30
C GLN B 430 -14.35 -29.82 -23.16
N MET B 431 -15.06 -29.35 -22.15
CA MET B 431 -15.42 -30.14 -20.98
C MET B 431 -16.76 -29.66 -20.44
N ASP B 432 -17.11 -28.45 -20.87
CA ASP B 432 -18.35 -27.82 -20.51
C ASP B 432 -19.40 -28.05 -21.59
N TRP B 433 -18.92 -28.61 -22.70
CA TRP B 433 -19.76 -28.93 -23.84
C TRP B 433 -20.53 -30.22 -23.62
N ARG B 434 -19.78 -31.26 -23.23
CA ARG B 434 -20.34 -32.57 -22.98
C ARG B 434 -21.23 -32.51 -21.75
#